data_6G52
#
_entry.id   6G52
#
_cell.length_a   116.738
_cell.length_b   116.738
_cell.length_c   243.459
_cell.angle_alpha   90.000
_cell.angle_beta   90.000
_cell.angle_gamma   120.000
#
_symmetry.space_group_name_H-M   'P 32 2 1'
#
_entity_poly.entity_id   1
_entity_poly.type   'polypeptide(L)'
_entity_poly.pdbx_seq_one_letter_code
;AG(MSE)KISPQLLLAAHRFLATEVSQFSPSLISEKILLRLLKYPDVIQELKFDEHNKYYARHYLYTRNKPADYFILILQ
GKVEVEAGKEN(MSE)KFETGAFSYYGT(MSE)ALTSVPSDRSPAHPTPLSRSASLSYPDRTDVSTAATLAGSSNQFGSS
VLGQYISDFSVRALVDLQYIKITRQQYQNGLLASR(MSE)ENSPQ
;
_entity_poly.pdbx_strand_id   I,B,C,D,E,F,G,H,A
#
# COMPACT_ATOMS: atom_id res chain seq x y z
N GLY A 2 13.06 41.39 25.17
CA GLY A 2 13.47 41.40 23.77
C GLY A 2 14.46 42.51 23.46
N LYS A 4 15.70 46.54 24.49
CA LYS A 4 15.63 47.63 25.46
C LYS A 4 16.10 48.93 24.85
N ILE A 5 15.39 50.01 25.17
CA ILE A 5 15.69 51.34 24.67
C ILE A 5 16.62 52.05 25.64
N SER A 6 17.63 52.72 25.09
CA SER A 6 18.59 53.44 25.93
C SER A 6 17.97 54.72 26.47
N PRO A 7 18.45 55.20 27.62
CA PRO A 7 17.86 56.43 28.18
C PRO A 7 18.05 57.66 27.31
N GLN A 8 19.20 57.78 26.65
CA GLN A 8 19.45 58.93 25.78
C GLN A 8 18.44 59.00 24.65
N LEU A 9 18.08 57.84 24.07
CA LEU A 9 17.07 57.83 23.01
C LEU A 9 15.73 58.31 23.54
N LEU A 10 15.37 57.89 24.75
CA LEU A 10 14.10 58.32 25.34
C LEU A 10 14.08 59.82 25.60
N LEU A 11 15.17 60.35 26.17
CA LEU A 11 15.23 61.79 26.44
C LEU A 11 15.20 62.60 25.15
N ALA A 12 15.99 62.19 24.16
CA ALA A 12 15.95 62.85 22.86
C ALA A 12 14.55 62.80 22.28
N ALA A 13 13.85 61.69 22.47
CA ALA A 13 12.46 61.61 22.03
C ALA A 13 11.58 62.59 22.79
N HIS A 14 11.89 62.81 24.08
CA HIS A 14 11.16 63.80 24.86
C HIS A 14 11.32 65.20 24.29
N ARG A 15 12.57 65.67 24.13
CA ARG A 15 12.75 66.99 23.55
C ARG A 15 12.09 67.05 22.17
N PHE A 16 12.41 66.09 21.30
CA PHE A 16 11.88 66.12 19.94
C PHE A 16 10.36 66.26 19.95
N LEU A 17 9.68 65.56 20.85
CA LEU A 17 8.23 65.70 20.96
C LEU A 17 7.83 67.09 21.44
N ALA A 18 8.55 67.64 22.42
CA ALA A 18 8.16 68.95 22.94
C ALA A 18 8.37 70.06 21.92
N THR A 19 9.58 70.18 21.38
CA THR A 19 9.93 71.28 20.48
C THR A 19 9.41 71.02 19.07
N GLU A 20 9.65 69.83 18.54
CA GLU A 20 9.47 69.54 17.11
C GLU A 20 8.12 68.91 16.81
N VAL A 21 7.18 68.93 17.75
CA VAL A 21 5.83 68.45 17.51
C VAL A 21 4.86 69.45 18.15
N SER A 22 3.82 69.84 17.41
CA SER A 22 2.86 70.81 17.90
C SER A 22 2.04 70.26 19.06
N GLN A 23 1.37 69.12 18.85
CA GLN A 23 0.42 68.62 19.84
C GLN A 23 1.08 68.24 21.16
N PHE A 24 2.36 67.85 21.11
CA PHE A 24 3.06 67.36 22.28
C PHE A 24 3.84 68.47 23.00
N SER A 25 3.67 69.72 22.56
CA SER A 25 4.39 70.89 23.05
C SER A 25 4.32 71.02 24.56
N PRO A 26 5.34 71.59 25.20
CA PRO A 26 5.34 71.70 26.67
C PRO A 26 4.20 72.53 27.22
N SER A 27 3.67 73.47 26.44
CA SER A 27 2.51 74.23 26.90
C SER A 27 1.30 73.32 27.08
N LEU A 28 1.13 72.34 26.19
CA LEU A 28 0.00 71.43 26.31
C LEU A 28 0.22 70.40 27.40
N ILE A 29 1.41 69.79 27.45
CA ILE A 29 1.78 68.82 28.48
C ILE A 29 3.15 69.20 29.02
N SER A 30 3.26 69.34 30.34
CA SER A 30 4.49 69.81 30.96
C SER A 30 5.64 68.84 30.75
N GLU A 31 6.86 69.39 30.78
CA GLU A 31 8.05 68.60 30.49
C GLU A 31 8.25 67.49 31.52
N LYS A 32 8.08 67.79 32.80
CA LYS A 32 8.19 66.76 33.83
C LYS A 32 7.17 65.65 33.57
N ILE A 33 5.98 66.04 33.14
CA ILE A 33 4.93 65.08 32.79
C ILE A 33 5.24 64.40 31.47
N LEU A 34 6.08 65.01 30.62
CA LEU A 34 6.62 64.27 29.50
C LEU A 34 7.50 63.13 29.99
N LEU A 35 8.38 63.41 30.94
CA LEU A 35 9.26 62.36 31.48
C LEU A 35 8.46 61.27 32.18
N ARG A 36 7.47 61.65 33.00
CA ARG A 36 6.67 60.65 33.69
C ARG A 36 5.74 59.91 32.73
N LEU A 37 5.19 60.62 31.76
CA LEU A 37 4.24 60.01 30.82
C LEU A 37 4.91 59.02 29.90
N LEU A 38 6.12 59.35 29.42
CA LEU A 38 6.86 58.38 28.61
C LEU A 38 7.26 57.16 29.44
N LYS A 39 7.61 57.39 30.70
CA LYS A 39 7.97 56.29 31.60
C LYS A 39 6.75 55.48 32.06
N TYR A 40 5.54 55.93 31.74
CA TYR A 40 4.34 55.22 32.13
C TYR A 40 4.32 53.82 31.53
N PRO A 41 3.71 52.84 32.20
CA PRO A 41 3.74 51.46 31.68
C PRO A 41 2.99 51.33 30.36
N ASP A 42 3.54 50.47 29.51
CA ASP A 42 3.04 50.14 28.17
C ASP A 42 3.12 51.32 27.20
N VAL A 43 3.82 52.40 27.56
CA VAL A 43 4.04 53.48 26.60
C VAL A 43 4.99 53.04 25.51
N ILE A 44 6.03 52.28 25.87
CA ILE A 44 6.99 51.75 24.92
C ILE A 44 6.65 50.30 24.63
N GLN A 45 6.46 49.98 23.36
CA GLN A 45 6.15 48.64 22.90
C GLN A 45 7.17 48.25 21.85
N GLU A 46 7.63 46.99 21.93
CA GLU A 46 8.59 46.44 20.98
C GLU A 46 7.93 45.35 20.17
N LEU A 47 8.13 45.39 18.86
CA LEU A 47 7.56 44.40 17.96
C LEU A 47 8.67 43.69 17.20
N LYS A 48 8.64 42.36 17.25
CA LYS A 48 9.61 41.52 16.57
C LYS A 48 9.00 41.04 15.25
N PHE A 49 9.74 41.24 14.16
CA PHE A 49 9.22 40.92 12.83
C PHE A 49 9.34 39.43 12.55
N ASP A 50 8.25 38.86 12.04
CA ASP A 50 8.22 37.47 11.59
C ASP A 50 8.42 37.46 10.08
N GLU A 51 9.51 36.83 9.62
CA GLU A 51 9.86 36.87 8.21
C GLU A 51 8.94 36.02 7.35
N HIS A 52 8.35 34.96 7.92
CA HIS A 52 7.54 34.04 7.12
C HIS A 52 6.25 34.72 6.65
N ASN A 53 5.51 35.35 7.56
CA ASN A 53 4.30 36.08 7.21
C ASN A 53 4.61 37.57 7.27
N LYS A 54 4.89 38.17 6.11
CA LYS A 54 5.25 39.58 6.07
C LYS A 54 4.05 40.47 6.38
N TYR A 55 2.88 40.15 5.83
CA TYR A 55 1.65 40.89 6.09
C TYR A 55 0.83 40.11 7.11
N TYR A 56 0.62 40.71 8.29
CA TYR A 56 -0.08 40.03 9.37
C TYR A 56 -0.79 41.06 10.23
N ALA A 57 -1.80 40.57 10.97
CA ALA A 57 -2.62 41.46 11.78
C ALA A 57 -1.81 42.18 12.84
N ARG A 58 -0.80 41.49 13.41
CA ARG A 58 0.02 42.11 14.45
C ARG A 58 1.03 43.09 13.89
N HIS A 59 1.37 42.98 12.60
CA HIS A 59 2.40 43.83 12.02
C HIS A 59 1.89 45.24 11.71
N TYR A 60 0.58 45.42 11.55
CA TYR A 60 0.03 46.73 11.27
C TYR A 60 -0.10 47.50 12.57
N LEU A 61 0.62 48.63 12.67
CA LEU A 61 0.44 49.52 13.82
C LEU A 61 -0.81 50.37 13.65
N TYR A 62 -1.14 50.72 12.41
CA TYR A 62 -2.40 51.36 12.06
C TYR A 62 -2.98 50.56 10.90
N THR A 63 -4.27 50.25 10.96
CA THR A 63 -4.91 49.47 9.92
C THR A 63 -5.84 50.34 9.08
N ARG A 64 -5.88 50.05 7.78
CA ARG A 64 -6.62 50.87 6.83
C ARG A 64 -8.13 50.76 7.08
N ASN A 65 -8.78 51.92 7.16
CA ASN A 65 -10.24 52.00 7.20
C ASN A 65 -10.82 51.33 8.45
N LYS A 66 -10.17 51.55 9.59
CA LYS A 66 -10.70 51.08 10.86
C LYS A 66 -10.41 52.08 11.96
N PRO A 67 -11.25 52.16 12.98
CA PRO A 67 -11.06 53.15 14.04
C PRO A 67 -9.96 52.76 15.01
N ALA A 68 -9.29 53.79 15.53
CA ALA A 68 -8.36 53.64 16.66
C ALA A 68 -7.79 55.00 17.07
N ASP A 69 -7.55 55.19 18.37
CA ASP A 69 -6.95 56.42 18.87
C ASP A 69 -5.57 56.11 19.45
N TYR A 70 -4.52 56.42 18.71
CA TYR A 70 -3.14 56.20 19.13
C TYR A 70 -2.32 57.45 18.85
N PHE A 71 -1.27 57.65 19.64
CA PHE A 71 -0.18 58.54 19.27
C PHE A 71 1.08 57.69 19.28
N ILE A 72 1.78 57.61 18.15
CA ILE A 72 2.97 56.76 18.07
C ILE A 72 4.12 57.55 17.47
N LEU A 73 5.29 57.43 18.08
CA LEU A 73 6.54 57.92 17.50
C LEU A 73 7.46 56.72 17.36
N ILE A 74 7.94 56.45 16.15
CA ILE A 74 8.71 55.24 15.92
C ILE A 74 10.15 55.52 16.31
N LEU A 75 10.64 54.81 17.34
CA LEU A 75 12.01 54.99 17.79
C LEU A 75 13.00 54.18 16.96
N GLN A 76 12.65 52.95 16.63
CA GLN A 76 13.58 52.09 15.90
C GLN A 76 12.80 51.22 14.93
N GLY A 77 13.49 50.79 13.89
CA GLY A 77 12.89 49.95 12.86
C GLY A 77 12.57 50.76 11.62
N LYS A 78 11.90 50.09 10.69
CA LYS A 78 11.44 50.71 9.47
C LYS A 78 9.97 50.38 9.25
N VAL A 79 9.21 51.35 8.74
CA VAL A 79 7.76 51.22 8.65
C VAL A 79 7.31 51.79 7.31
N GLU A 80 6.11 51.37 6.88
CA GLU A 80 5.56 51.82 5.61
C GLU A 80 4.09 52.19 5.78
N VAL A 81 3.68 53.20 5.02
CA VAL A 81 2.30 53.71 5.00
C VAL A 81 1.70 53.42 3.64
N GLU A 82 0.53 52.79 3.63
CA GLU A 82 -0.23 52.47 2.43
C GLU A 82 -1.28 53.53 2.11
N ALA A 83 -1.20 54.69 2.77
CA ALA A 83 -2.27 55.67 2.77
C ALA A 83 -2.50 56.27 1.38
N GLY A 84 -3.70 56.83 1.23
CA GLY A 84 -4.16 57.49 0.02
C GLY A 84 -5.17 56.63 -0.75
N LYS A 85 -5.99 57.33 -1.55
CA LYS A 85 -7.00 56.63 -2.35
C LYS A 85 -6.35 55.69 -3.36
N GLU A 86 -5.18 56.07 -3.88
CA GLU A 86 -4.45 55.27 -4.85
C GLU A 86 -3.58 54.20 -4.19
N ASN A 87 -3.60 54.12 -2.85
CA ASN A 87 -2.78 53.17 -2.09
C ASN A 87 -1.30 53.34 -2.37
N LYS A 89 2.32 53.87 -1.62
CA LYS A 89 3.03 53.45 -0.42
C LYS A 89 4.31 54.25 -0.24
N PHE A 90 4.49 54.78 0.97
CA PHE A 90 5.70 55.52 1.32
C PHE A 90 6.38 54.84 2.50
N GLU A 91 7.70 54.89 2.54
CA GLU A 91 8.48 54.24 3.59
C GLU A 91 9.09 55.31 4.50
N THR A 92 8.92 55.15 5.80
CA THR A 92 9.54 56.12 6.70
C THR A 92 10.26 55.36 7.80
N GLY A 93 11.17 56.06 8.48
CA GLY A 93 12.10 55.50 9.45
C GLY A 93 11.97 56.03 10.87
N ALA A 94 13.06 55.92 11.64
CA ALA A 94 13.07 56.29 13.04
C ALA A 94 12.61 57.72 13.27
N PHE A 95 11.93 57.93 14.41
CA PHE A 95 11.45 59.24 14.86
C PHE A 95 10.39 59.81 13.93
N SER A 96 9.60 58.93 13.33
CA SER A 96 8.44 59.30 12.53
C SER A 96 7.18 59.08 13.34
N TYR A 97 6.37 60.13 13.48
CA TYR A 97 5.19 60.12 14.33
C TYR A 97 3.92 60.01 13.49
N TYR A 98 2.98 59.18 13.97
CA TYR A 98 1.71 58.91 13.33
C TYR A 98 0.61 58.98 14.40
N GLY A 99 -0.57 59.46 13.99
CA GLY A 99 -1.68 59.56 14.91
C GLY A 99 -1.66 60.74 15.85
N THR A 100 -1.16 61.90 15.40
CA THR A 100 -1.02 63.01 16.33
C THR A 100 -2.37 63.57 16.78
N ALA A 102 -5.30 61.95 16.69
CA ALA A 102 -6.19 60.94 17.25
C ALA A 102 -6.32 61.08 18.76
N LEU A 103 -5.40 61.80 19.39
CA LEU A 103 -5.45 62.01 20.83
C LEU A 103 -6.55 63.00 21.22
N THR A 104 -6.80 63.99 20.37
CA THR A 104 -7.79 65.02 20.66
C THR A 104 -9.20 64.42 20.70
N SER A 105 -10.10 65.16 21.35
CA SER A 105 -11.49 64.73 21.50
C SER A 105 -12.17 64.57 20.15
N TYR A 153 -10.32 59.38 15.54
CA TYR A 153 -11.32 58.38 15.85
C TYR A 153 -11.39 57.32 14.76
N ILE A 154 -10.87 57.64 13.57
CA ILE A 154 -10.75 56.68 12.49
C ILE A 154 -9.44 56.94 11.74
N SER A 155 -8.64 55.88 11.55
CA SER A 155 -7.34 55.99 10.92
C SER A 155 -7.49 55.60 9.45
N ASP A 156 -7.30 56.57 8.55
CA ASP A 156 -7.36 56.28 7.12
C ASP A 156 -6.08 55.61 6.61
N PHE A 157 -4.95 55.93 7.21
CA PHE A 157 -3.66 55.40 6.76
C PHE A 157 -3.41 54.02 7.37
N SER A 158 -2.71 53.18 6.61
CA SER A 158 -2.32 51.86 7.07
C SER A 158 -0.80 51.85 7.22
N VAL A 159 -0.34 51.71 8.47
CA VAL A 159 1.08 51.72 8.81
C VAL A 159 1.46 50.30 9.18
N ARG A 160 2.37 49.70 8.41
CA ARG A 160 2.80 48.33 8.63
C ARG A 160 4.31 48.30 8.86
N ALA A 161 4.74 47.44 9.76
CA ALA A 161 6.16 47.40 10.15
C ALA A 161 6.94 46.61 9.10
N LEU A 162 7.89 47.29 8.46
CA LEU A 162 8.77 46.65 7.49
C LEU A 162 9.90 45.88 8.17
N VAL A 163 10.35 46.35 9.34
CA VAL A 163 11.44 45.70 10.05
C VAL A 163 11.08 45.60 11.54
N ASP A 164 11.97 44.95 12.29
CA ASP A 164 11.82 44.87 13.74
C ASP A 164 11.76 46.28 14.32
N LEU A 165 10.71 46.59 15.07
CA LEU A 165 10.48 47.98 15.46
C LEU A 165 10.30 48.14 16.95
N GLN A 166 10.62 49.36 17.41
CA GLN A 166 10.44 49.75 18.80
C GLN A 166 9.82 51.14 18.81
N TYR A 167 8.63 51.27 19.41
CA TYR A 167 7.91 52.54 19.34
C TYR A 167 7.38 52.93 20.70
N ILE A 168 7.00 54.20 20.82
CA ILE A 168 6.35 54.74 22.01
C ILE A 168 4.90 55.03 21.67
N LYS A 169 3.98 54.60 22.54
CA LYS A 169 2.55 54.72 22.33
C LYS A 169 1.90 55.53 23.45
N ILE A 170 1.20 56.60 23.08
CA ILE A 170 0.47 57.45 24.03
C ILE A 170 -1.00 57.45 23.64
N THR A 171 -1.86 56.92 24.51
CA THR A 171 -3.28 56.83 24.24
C THR A 171 -3.96 58.17 24.46
N ARG A 172 -5.19 58.28 23.95
CA ARG A 172 -5.95 59.52 24.13
C ARG A 172 -6.26 59.79 25.60
N GLN A 173 -6.59 58.73 26.35
CA GLN A 173 -6.83 58.90 27.78
C GLN A 173 -5.56 59.37 28.48
N GLN A 174 -4.44 58.72 28.18
CA GLN A 174 -3.15 59.15 28.74
C GLN A 174 -2.82 60.57 28.35
N TYR A 175 -3.12 60.95 27.10
CA TYR A 175 -2.81 62.31 26.64
C TYR A 175 -3.62 63.34 27.43
N GLN A 176 -4.92 63.09 27.56
CA GLN A 176 -5.78 64.02 28.29
C GLN A 176 -5.38 64.08 29.76
N ASN A 177 -5.01 62.94 30.34
CA ASN A 177 -4.57 62.93 31.73
C ASN A 177 -3.28 63.73 31.91
N GLY A 178 -2.33 63.59 30.98
CA GLY A 178 -1.12 64.39 31.06
C GLY A 178 -1.38 65.88 30.88
N LEU A 179 -2.30 66.23 29.98
CA LEU A 179 -2.66 67.63 29.81
C LEU A 179 -3.30 68.19 31.06
N LEU A 180 -4.22 67.43 31.68
CA LEU A 180 -4.86 67.89 32.90
C LEU A 180 -3.86 68.01 34.03
N ALA A 181 -2.94 67.05 34.14
CA ALA A 181 -1.93 67.10 35.19
C ALA A 181 -0.96 68.26 34.98
N SER A 182 -0.75 68.66 33.71
CA SER A 182 0.09 69.83 33.46
C SER A 182 -0.59 71.10 33.96
N ARG A 183 -1.90 71.17 33.85
CA ARG A 183 -2.67 72.32 34.33
C ARG A 183 -2.60 72.49 35.84
N GLU A 185 -0.13 72.96 37.86
CA GLU A 185 0.77 74.03 38.25
C GLU A 185 1.18 74.87 37.04
N GLY B 2 1.05 -13.24 6.52
CA GLY B 2 0.90 -13.13 5.07
C GLY B 2 2.24 -13.12 4.35
N LYS B 4 6.24 -10.68 4.22
CA LYS B 4 7.09 -9.75 4.93
C LYS B 4 8.13 -9.17 3.99
N ILE B 5 8.44 -7.89 4.18
CA ILE B 5 9.50 -7.24 3.42
C ILE B 5 10.75 -7.17 4.30
N SER B 6 11.83 -6.64 3.76
CA SER B 6 13.09 -6.48 4.46
C SER B 6 13.51 -5.02 4.46
N PRO B 7 14.32 -4.59 5.43
CA PRO B 7 14.75 -3.19 5.49
C PRO B 7 15.40 -2.68 4.21
N GLN B 8 15.93 -3.60 3.39
CA GLN B 8 16.56 -3.19 2.14
C GLN B 8 15.53 -2.61 1.17
N LEU B 9 14.46 -3.36 0.88
CA LEU B 9 13.42 -2.85 0.01
C LEU B 9 12.77 -1.60 0.59
N LEU B 10 12.66 -1.53 1.92
CA LEU B 10 12.08 -0.37 2.55
C LEU B 10 12.93 0.87 2.31
N LEU B 11 14.26 0.74 2.51
CA LEU B 11 15.14 1.88 2.31
C LEU B 11 15.21 2.29 0.85
N ALA B 12 15.22 1.32 -0.06
CA ALA B 12 15.12 1.65 -1.48
C ALA B 12 13.88 2.48 -1.75
N ALA B 13 12.73 2.03 -1.24
CA ALA B 13 11.51 2.82 -1.36
C ALA B 13 11.68 4.21 -0.75
N HIS B 14 12.45 4.31 0.34
CA HIS B 14 12.64 5.61 0.99
C HIS B 14 13.37 6.58 0.06
N ARG B 15 14.57 6.19 -0.38
CA ARG B 15 15.35 7.06 -1.25
C ARG B 15 14.59 7.39 -2.54
N PHE B 16 13.88 6.39 -3.07
CA PHE B 16 13.03 6.63 -4.23
C PHE B 16 11.98 7.70 -3.92
N LEU B 17 11.29 7.56 -2.78
CA LEU B 17 10.22 8.49 -2.42
C LEU B 17 10.74 9.91 -2.29
N ALA B 18 11.90 10.09 -1.65
CA ALA B 18 12.43 11.44 -1.53
C ALA B 18 12.88 11.98 -2.87
N THR B 19 13.51 11.13 -3.70
CA THR B 19 14.10 11.61 -4.94
C THR B 19 13.05 11.97 -5.99
N GLU B 20 12.17 11.02 -6.31
CA GLU B 20 11.32 11.12 -7.49
C GLU B 20 9.93 11.67 -7.22
N VAL B 21 9.60 12.01 -5.98
CA VAL B 21 8.30 12.59 -5.65
C VAL B 21 8.54 13.95 -5.01
N SER B 22 8.01 15.00 -5.63
CA SER B 22 8.26 16.36 -5.16
C SER B 22 7.52 16.68 -3.88
N GLN B 23 6.36 16.04 -3.65
CA GLN B 23 5.59 16.32 -2.46
C GLN B 23 6.25 15.78 -1.19
N PHE B 24 7.12 14.78 -1.33
CA PHE B 24 7.93 14.28 -0.24
C PHE B 24 9.33 14.89 -0.20
N SER B 25 9.63 15.86 -1.06
CA SER B 25 10.99 16.32 -1.26
C SER B 25 11.64 16.68 0.07
N PRO B 26 12.93 16.35 0.27
CA PRO B 26 13.55 16.53 1.58
C PRO B 26 13.45 17.94 2.14
N SER B 27 13.35 18.96 1.29
CA SER B 27 13.11 20.30 1.79
C SER B 27 11.76 20.40 2.50
N LEU B 28 10.75 19.68 1.99
CA LEU B 28 9.43 19.71 2.60
C LEU B 28 9.36 18.79 3.81
N ILE B 29 9.92 17.58 3.70
CA ILE B 29 9.92 16.61 4.80
C ILE B 29 11.35 16.13 4.99
N SER B 30 11.89 16.33 6.19
CA SER B 30 13.27 15.95 6.45
C SER B 30 13.45 14.45 6.32
N GLU B 31 14.69 14.04 6.01
CA GLU B 31 14.98 12.65 5.72
C GLU B 31 14.63 11.74 6.90
N LYS B 32 15.11 12.10 8.10
CA LYS B 32 14.86 11.26 9.27
C LYS B 32 13.38 11.15 9.59
N ILE B 33 12.59 12.16 9.22
CA ILE B 33 11.17 12.13 9.48
C ILE B 33 10.44 11.26 8.46
N LEU B 34 10.94 11.17 7.23
CA LEU B 34 10.44 10.17 6.30
C LEU B 34 10.78 8.77 6.79
N LEU B 35 12.01 8.58 7.29
CA LEU B 35 12.40 7.29 7.85
C LEU B 35 11.49 6.88 8.99
N ARG B 36 11.27 7.78 9.95
CA ARG B 36 10.42 7.46 11.08
C ARG B 36 8.96 7.32 10.66
N LEU B 37 8.55 8.02 9.59
CA LEU B 37 7.17 7.92 9.13
C LEU B 37 6.90 6.58 8.46
N LEU B 38 7.89 6.03 7.75
CA LEU B 38 7.69 4.77 7.07
C LEU B 38 7.54 3.60 8.04
N LYS B 39 8.22 3.67 9.19
CA LYS B 39 8.14 2.63 10.20
C LYS B 39 6.96 2.81 11.15
N TYR B 40 6.15 3.85 10.94
CA TYR B 40 4.96 4.07 11.76
C TYR B 40 4.04 2.85 11.67
N PRO B 41 3.31 2.54 12.74
CA PRO B 41 2.42 1.37 12.71
C PRO B 41 1.29 1.53 11.69
N ASP B 42 0.90 0.40 11.10
CA ASP B 42 -0.19 0.30 10.12
C ASP B 42 0.06 1.16 8.88
N VAL B 43 1.32 1.52 8.61
CA VAL B 43 1.65 2.14 7.33
C VAL B 43 1.83 1.07 6.26
N ILE B 44 2.49 -0.03 6.60
CA ILE B 44 2.76 -1.11 5.65
C ILE B 44 1.59 -2.09 5.73
N GLN B 45 0.82 -2.16 4.65
CA GLN B 45 -0.37 -2.98 4.60
C GLN B 45 -0.21 -4.07 3.54
N GLU B 46 -0.60 -5.29 3.88
CA GLU B 46 -0.55 -6.41 2.97
C GLU B 46 -1.96 -6.79 2.55
N LEU B 47 -2.15 -7.01 1.25
CA LEU B 47 -3.44 -7.39 0.70
C LEU B 47 -3.25 -8.70 -0.06
N LYS B 48 -3.88 -9.77 0.42
CA LYS B 48 -3.90 -11.02 -0.29
C LYS B 48 -5.00 -11.00 -1.34
N PHE B 49 -4.68 -11.48 -2.54
CA PHE B 49 -5.61 -11.49 -3.65
C PHE B 49 -6.42 -12.78 -3.65
N ASP B 50 -7.74 -12.64 -3.79
CA ASP B 50 -8.65 -13.78 -3.91
C ASP B 50 -8.95 -14.02 -5.38
N GLU B 51 -8.52 -15.17 -5.90
CA GLU B 51 -8.71 -15.47 -7.30
C GLU B 51 -10.17 -15.75 -7.65
N HIS B 52 -10.97 -16.19 -6.68
CA HIS B 52 -12.37 -16.52 -6.96
C HIS B 52 -13.17 -15.26 -7.30
N ASN B 53 -13.11 -14.25 -6.44
CA ASN B 53 -13.73 -12.96 -6.71
C ASN B 53 -12.65 -11.99 -7.14
N LYS B 54 -12.63 -11.67 -8.43
CA LYS B 54 -11.61 -10.77 -8.96
C LYS B 54 -11.97 -9.31 -8.71
N TYR B 55 -13.24 -8.97 -8.82
CA TYR B 55 -13.73 -7.62 -8.56
C TYR B 55 -14.41 -7.64 -7.19
N TYR B 56 -13.80 -6.99 -6.21
CA TYR B 56 -14.31 -7.01 -4.85
C TYR B 56 -14.02 -5.67 -4.18
N ALA B 57 -14.80 -5.38 -3.13
CA ALA B 57 -14.64 -4.10 -2.44
C ALA B 57 -13.27 -3.98 -1.80
N ARG B 58 -12.76 -5.06 -1.22
CA ARG B 58 -11.45 -5.02 -0.59
C ARG B 58 -10.33 -4.92 -1.63
N HIS B 59 -10.53 -5.51 -2.81
CA HIS B 59 -9.49 -5.48 -3.84
C HIS B 59 -9.29 -4.09 -4.41
N TYR B 60 -10.24 -3.18 -4.20
CA TYR B 60 -10.10 -1.79 -4.65
C TYR B 60 -9.34 -1.02 -3.58
N LEU B 61 -8.14 -0.55 -3.93
CA LEU B 61 -7.40 0.33 -3.04
C LEU B 61 -7.92 1.76 -3.15
N TYR B 62 -8.20 2.19 -4.37
CA TYR B 62 -9.00 3.38 -4.64
C TYR B 62 -10.21 2.94 -5.46
N THR B 63 -11.40 3.40 -5.07
CA THR B 63 -12.61 3.13 -5.80
C THR B 63 -13.17 4.43 -6.37
N ARG B 64 -13.82 4.31 -7.54
CA ARG B 64 -14.23 5.49 -8.30
C ARG B 64 -15.28 6.30 -7.55
N ASN B 65 -15.11 7.62 -7.57
CA ASN B 65 -16.09 8.58 -7.06
C ASN B 65 -16.37 8.39 -5.57
N LYS B 66 -15.37 7.94 -4.82
CA LYS B 66 -15.50 7.79 -3.38
C LYS B 66 -14.34 8.48 -2.68
N PRO B 67 -14.59 9.11 -1.52
CA PRO B 67 -13.54 9.90 -0.88
C PRO B 67 -12.42 9.03 -0.34
N ALA B 68 -11.19 9.51 -0.50
CA ALA B 68 -10.01 8.87 0.07
C ALA B 68 -9.07 9.93 0.62
N ASP B 69 -8.70 9.78 1.88
CA ASP B 69 -7.80 10.71 2.55
C ASP B 69 -6.35 10.26 2.55
N TYR B 70 -6.03 9.14 1.90
CA TYR B 70 -4.73 8.49 2.03
C TYR B 70 -4.02 8.41 0.69
N PHE B 71 -2.69 8.31 0.77
CA PHE B 71 -1.82 8.09 -0.38
C PHE B 71 -1.18 6.71 -0.21
N ILE B 72 -1.08 5.96 -1.31
CA ILE B 72 -0.50 4.63 -1.26
C ILE B 72 0.63 4.51 -2.25
N LEU B 73 1.59 3.65 -1.93
CA LEU B 73 2.64 3.26 -2.86
C LEU B 73 2.74 1.75 -2.90
N ILE B 74 2.86 1.21 -4.11
CA ILE B 74 2.85 -0.23 -4.31
C ILE B 74 4.29 -0.73 -4.30
N LEU B 75 4.59 -1.67 -3.40
CA LEU B 75 5.92 -2.27 -3.29
C LEU B 75 6.06 -3.45 -4.25
N GLN B 76 5.25 -4.48 -4.06
CA GLN B 76 5.25 -5.64 -4.93
C GLN B 76 3.82 -5.92 -5.39
N GLY B 77 3.70 -6.56 -6.55
CA GLY B 77 2.42 -6.93 -7.12
C GLY B 77 2.04 -6.04 -8.29
N LYS B 78 0.97 -6.46 -8.97
CA LYS B 78 0.44 -5.76 -10.14
C LYS B 78 -1.00 -5.34 -9.89
N VAL B 79 -1.31 -4.12 -10.37
CA VAL B 79 -2.57 -3.44 -10.09
C VAL B 79 -3.09 -2.87 -11.41
N GLU B 80 -4.36 -2.45 -11.41
CA GLU B 80 -4.99 -1.87 -12.59
C GLU B 80 -5.76 -0.61 -12.21
N VAL B 81 -5.65 0.42 -13.06
CA VAL B 81 -6.31 1.70 -12.86
C VAL B 81 -7.40 1.86 -13.90
N GLU B 82 -8.60 2.23 -13.45
CA GLU B 82 -9.77 2.45 -14.30
C GLU B 82 -9.95 3.90 -14.71
N ALA B 83 -8.97 4.77 -14.42
CA ALA B 83 -9.15 6.20 -14.53
C ALA B 83 -9.48 6.64 -15.95
N GLY B 84 -10.07 7.82 -16.05
CA GLY B 84 -10.48 8.43 -17.30
C GLY B 84 -11.99 8.46 -17.46
N LYS B 85 -12.46 9.41 -18.27
CA LYS B 85 -13.90 9.53 -18.51
C LYS B 85 -14.40 8.43 -19.43
N GLU B 86 -13.54 7.92 -20.31
CA GLU B 86 -13.89 6.80 -21.17
C GLU B 86 -13.72 5.45 -20.48
N ASN B 87 -13.29 5.44 -19.22
CA ASN B 87 -13.08 4.22 -18.46
C ASN B 87 -12.06 3.30 -19.13
N LYS B 89 -8.67 1.35 -19.12
CA LYS B 89 -8.02 0.65 -18.02
C LYS B 89 -6.57 0.36 -18.36
N PHE B 90 -5.67 0.64 -17.41
CA PHE B 90 -4.24 0.43 -17.60
C PHE B 90 -3.72 -0.50 -16.51
N GLU B 91 -2.70 -1.28 -16.85
CA GLU B 91 -2.06 -2.18 -15.91
C GLU B 91 -0.72 -1.60 -15.48
N THR B 92 -0.54 -1.44 -14.17
CA THR B 92 0.70 -0.91 -13.62
C THR B 92 1.16 -1.81 -12.48
N GLY B 93 2.20 -1.41 -11.76
CA GLY B 93 2.96 -2.34 -10.97
C GLY B 93 3.85 -1.63 -9.97
N ALA B 94 4.86 -2.37 -9.51
CA ALA B 94 5.68 -1.96 -8.38
C ALA B 94 6.18 -0.52 -8.51
N PHE B 95 6.15 0.20 -7.39
CA PHE B 95 6.64 1.57 -7.26
C PHE B 95 5.83 2.58 -8.06
N SER B 96 4.55 2.31 -8.29
CA SER B 96 3.65 3.28 -8.90
C SER B 96 2.85 3.97 -7.80
N TYR B 97 3.03 5.28 -7.68
CA TYR B 97 2.40 6.05 -6.63
C TYR B 97 1.02 6.55 -7.06
N TYR B 98 0.06 6.49 -6.14
CA TYR B 98 -1.31 6.90 -6.39
C TYR B 98 -1.83 7.72 -5.21
N GLY B 99 -2.64 8.72 -5.51
CA GLY B 99 -3.24 9.53 -4.47
C GLY B 99 -2.31 10.53 -3.83
N THR B 100 -1.42 11.15 -4.61
CA THR B 100 -0.37 11.98 -4.02
C THR B 100 -0.91 13.30 -3.51
N ALA B 102 -3.86 13.82 -2.42
CA ALA B 102 -4.82 13.58 -1.35
C ALA B 102 -4.29 14.01 0.01
N LEU B 103 -2.99 14.26 0.12
CA LEU B 103 -2.40 14.64 1.41
C LEU B 103 -2.62 16.10 1.74
N THR B 104 -2.83 16.95 0.74
CA THR B 104 -3.06 18.36 0.99
C THR B 104 -4.39 18.59 1.68
N SER B 105 -4.48 19.68 2.44
CA SER B 105 -5.68 20.00 3.21
C SER B 105 -6.85 20.33 2.29
N SER B 142 -23.96 30.08 5.37
CA SER B 142 -24.80 28.92 5.61
C SER B 142 -24.22 27.65 4.98
N ASN B 143 -25.10 26.66 4.77
CA ASN B 143 -24.74 25.41 4.12
C ASN B 143 -24.76 25.55 2.62
N GLN B 144 -23.83 24.86 1.96
CA GLN B 144 -23.74 24.84 0.50
C GLN B 144 -24.65 23.80 -0.13
N PHE B 145 -25.43 23.09 0.69
CA PHE B 145 -26.36 22.03 0.29
C PHE B 145 -25.61 20.75 -0.07
N GLY B 146 -24.32 20.86 -0.34
CA GLY B 146 -23.51 19.69 -0.56
C GLY B 146 -23.20 18.97 0.74
N SER B 147 -23.49 17.67 0.78
CA SER B 147 -22.84 16.81 1.76
C SER B 147 -21.45 16.42 1.28
N SER B 148 -21.26 16.38 -0.03
CA SER B 148 -19.95 16.23 -0.65
C SER B 148 -19.15 17.52 -0.60
N VAL B 149 -19.83 18.67 -0.61
CA VAL B 149 -19.14 19.95 -0.53
C VAL B 149 -18.39 20.02 0.79
N LEU B 150 -17.28 20.78 0.79
CA LEU B 150 -16.33 20.84 1.89
C LEU B 150 -15.69 19.49 2.16
N GLY B 151 -15.68 18.60 1.17
CA GLY B 151 -14.91 17.39 1.24
C GLY B 151 -13.50 17.60 0.73
N GLN B 152 -12.56 16.87 1.30
CA GLN B 152 -11.16 17.09 0.97
C GLN B 152 -10.80 16.52 -0.40
N TYR B 153 -11.15 15.27 -0.66
CA TYR B 153 -10.73 14.60 -1.88
C TYR B 153 -11.76 13.56 -2.30
N ILE B 154 -11.98 13.45 -3.61
CA ILE B 154 -12.79 12.40 -4.21
C ILE B 154 -11.97 11.78 -5.32
N SER B 155 -11.84 10.46 -5.29
CA SER B 155 -10.95 9.76 -6.22
C SER B 155 -11.64 9.61 -7.57
N ASP B 156 -11.01 10.16 -8.61
CA ASP B 156 -11.49 9.93 -9.97
C ASP B 156 -11.03 8.59 -10.50
N PHE B 157 -9.81 8.18 -10.16
CA PHE B 157 -9.29 6.88 -10.57
C PHE B 157 -9.81 5.78 -9.67
N SER B 158 -9.86 4.56 -10.22
CA SER B 158 -10.20 3.36 -9.48
C SER B 158 -9.03 2.39 -9.57
N VAL B 159 -8.42 2.09 -8.42
CA VAL B 159 -7.24 1.24 -8.35
C VAL B 159 -7.67 -0.10 -7.76
N ARG B 160 -7.71 -1.14 -8.60
CA ARG B 160 -8.11 -2.48 -8.19
C ARG B 160 -6.89 -3.40 -8.25
N ALA B 161 -6.65 -4.13 -7.17
CA ALA B 161 -5.47 -4.98 -7.11
C ALA B 161 -5.66 -6.18 -8.01
N LEU B 162 -4.76 -6.34 -8.98
CA LEU B 162 -4.87 -7.45 -9.92
C LEU B 162 -4.30 -8.73 -9.34
N VAL B 163 -3.14 -8.66 -8.67
CA VAL B 163 -2.49 -9.85 -8.17
C VAL B 163 -2.30 -9.63 -6.67
N ASP B 164 -1.57 -10.52 -5.99
CA ASP B 164 -1.29 -10.33 -4.57
C ASP B 164 -0.50 -9.06 -4.36
N LEU B 165 -0.90 -8.26 -3.37
CA LEU B 165 -0.38 -6.91 -3.19
C LEU B 165 0.37 -6.75 -1.89
N GLN B 166 1.41 -5.91 -1.95
CA GLN B 166 2.08 -5.33 -0.79
C GLN B 166 2.22 -3.85 -1.05
N TYR B 167 1.72 -3.03 -0.13
CA TYR B 167 1.65 -1.58 -0.35
C TYR B 167 1.79 -0.85 0.97
N ILE B 168 2.14 0.43 0.87
CA ILE B 168 2.27 1.31 2.03
C ILE B 168 1.21 2.40 1.93
N LYS B 169 0.63 2.74 3.07
CA LYS B 169 -0.46 3.70 3.15
C LYS B 169 -0.08 4.81 4.12
N ILE B 170 -0.17 6.06 3.66
CA ILE B 170 0.17 7.24 4.45
C ILE B 170 -1.02 8.17 4.40
N THR B 171 -1.65 8.42 5.55
CA THR B 171 -2.85 9.24 5.60
C THR B 171 -2.49 10.72 5.59
N ARG B 172 -3.53 11.56 5.59
CA ARG B 172 -3.32 13.00 5.59
C ARG B 172 -2.72 13.48 6.90
N GLN B 173 -3.22 12.95 8.02
CA GLN B 173 -2.71 13.35 9.34
C GLN B 173 -1.22 13.08 9.45
N GLN B 174 -0.79 11.88 9.04
CA GLN B 174 0.62 11.53 9.13
C GLN B 174 1.49 12.47 8.31
N TYR B 175 1.07 12.75 7.08
CA TYR B 175 1.87 13.62 6.21
C TYR B 175 1.94 15.03 6.76
N GLN B 176 0.81 15.57 7.25
CA GLN B 176 0.84 16.91 7.83
C GLN B 176 1.73 16.97 9.07
N ASN B 177 1.68 15.93 9.90
CA ASN B 177 2.58 15.85 11.05
C ASN B 177 4.03 15.87 10.59
N GLY B 178 4.35 15.12 9.54
CA GLY B 178 5.70 15.15 9.00
C GLY B 178 6.08 16.53 8.49
N LEU B 179 5.13 17.25 7.89
CA LEU B 179 5.36 18.62 7.48
C LEU B 179 5.77 19.49 8.66
N LEU B 180 4.95 19.49 9.70
CA LEU B 180 5.22 20.33 10.86
C LEU B 180 6.56 19.99 11.49
N ALA B 181 6.78 18.70 11.78
CA ALA B 181 8.02 18.31 12.45
C ALA B 181 9.24 18.60 11.59
N SER B 182 9.12 18.48 10.27
CA SER B 182 10.23 18.85 9.40
C SER B 182 10.48 20.36 9.46
N ARG B 183 9.39 21.14 9.55
CA ARG B 183 9.53 22.59 9.67
C ARG B 183 10.25 22.97 10.95
N GLU B 185 12.30 20.88 12.93
CA GLU B 185 13.66 20.37 12.89
C GLU B 185 14.54 21.20 11.97
N ASN B 186 13.95 21.77 10.91
CA ASN B 186 14.69 22.74 10.10
C ASN B 186 14.89 24.04 10.86
N SER B 187 13.86 24.50 11.57
CA SER B 187 13.93 25.72 12.38
C SER B 187 14.35 26.93 11.55
N LYS C 4 6.01 -7.22 -22.22
CA LYS C 4 4.82 -8.06 -22.05
C LYS C 4 3.76 -7.71 -23.08
N ILE C 5 3.11 -8.73 -23.63
CA ILE C 5 2.06 -8.52 -24.62
C ILE C 5 0.78 -8.09 -23.90
N SER C 6 0.13 -7.06 -24.44
CA SER C 6 -1.10 -6.55 -23.86
C SER C 6 -2.27 -7.47 -24.18
N PRO C 7 -3.32 -7.44 -23.37
CA PRO C 7 -4.48 -8.31 -23.64
C PRO C 7 -5.17 -7.99 -24.94
N GLN C 8 -5.21 -6.72 -25.35
CA GLN C 8 -5.82 -6.36 -26.62
C GLN C 8 -5.10 -7.01 -27.79
N LEU C 9 -3.77 -7.04 -27.74
CA LEU C 9 -3.00 -7.69 -28.80
C LEU C 9 -3.27 -9.19 -28.83
N LEU C 10 -3.34 -9.83 -27.66
CA LEU C 10 -3.59 -11.27 -27.61
C LEU C 10 -4.98 -11.61 -28.13
N LEU C 11 -6.00 -10.85 -27.70
CA LEU C 11 -7.36 -11.10 -28.15
C LEU C 11 -7.51 -10.87 -29.66
N ALA C 12 -6.97 -9.74 -30.15
CA ALA C 12 -6.97 -9.48 -31.58
C ALA C 12 -6.24 -10.57 -32.36
N ALA C 13 -5.15 -11.10 -31.80
CA ALA C 13 -4.46 -12.20 -32.46
C ALA C 13 -5.34 -13.45 -32.49
N HIS C 14 -6.14 -13.65 -31.45
CA HIS C 14 -7.13 -14.72 -31.43
C HIS C 14 -8.18 -14.54 -32.51
N ARG C 15 -8.72 -13.32 -32.63
CA ARG C 15 -9.72 -13.03 -33.67
C ARG C 15 -9.16 -13.28 -35.07
N PHE C 16 -8.15 -12.48 -35.43
CA PHE C 16 -7.49 -12.57 -36.73
C PHE C 16 -7.02 -13.99 -37.05
N LEU C 17 -6.42 -14.67 -36.08
CA LEU C 17 -5.96 -16.03 -36.31
C LEU C 17 -7.12 -16.98 -36.54
N ALA C 18 -8.22 -16.82 -35.80
CA ALA C 18 -9.36 -17.70 -35.97
C ALA C 18 -10.00 -17.53 -37.34
N THR C 19 -10.26 -16.28 -37.74
CA THR C 19 -11.00 -16.03 -38.97
C THR C 19 -10.12 -16.20 -40.21
N GLU C 20 -8.92 -15.62 -40.21
CA GLU C 20 -8.10 -15.46 -41.39
C GLU C 20 -7.03 -16.54 -41.55
N VAL C 21 -7.16 -17.65 -40.82
CA VAL C 21 -6.24 -18.77 -40.94
C VAL C 21 -7.05 -20.06 -41.04
N SER C 22 -6.65 -20.93 -41.98
CA SER C 22 -7.40 -22.15 -42.26
C SER C 22 -7.46 -23.09 -41.06
N GLN C 23 -6.29 -23.52 -40.56
CA GLN C 23 -6.26 -24.59 -39.58
C GLN C 23 -6.94 -24.22 -38.25
N PHE C 24 -6.93 -22.94 -37.89
CA PHE C 24 -7.40 -22.52 -36.58
C PHE C 24 -8.84 -22.06 -36.55
N SER C 25 -9.59 -22.24 -37.64
CA SER C 25 -10.97 -21.79 -37.74
C SER C 25 -11.79 -22.33 -36.57
N PRO C 26 -12.81 -21.60 -36.10
CA PRO C 26 -13.54 -22.05 -34.90
C PRO C 26 -14.22 -23.40 -35.05
N SER C 27 -14.62 -23.76 -36.27
CA SER C 27 -15.19 -25.09 -36.47
C SER C 27 -14.15 -26.19 -36.26
N LEU C 28 -12.90 -25.94 -36.68
CA LEU C 28 -11.85 -26.94 -36.51
C LEU C 28 -11.38 -27.01 -35.06
N ILE C 29 -11.14 -25.86 -34.43
CA ILE C 29 -10.77 -25.78 -33.02
C ILE C 29 -11.64 -24.74 -32.35
N SER C 30 -12.31 -25.13 -31.26
CA SER C 30 -13.26 -24.24 -30.62
C SER C 30 -12.57 -23.01 -30.05
N GLU C 31 -13.34 -21.93 -29.92
CA GLU C 31 -12.78 -20.63 -29.53
C GLU C 31 -12.17 -20.67 -28.13
N LYS C 32 -12.88 -21.25 -27.16
CA LYS C 32 -12.37 -21.32 -25.80
C LYS C 32 -11.07 -22.10 -25.75
N ILE C 33 -11.00 -23.18 -26.53
CA ILE C 33 -9.78 -23.98 -26.60
C ILE C 33 -8.70 -23.33 -27.46
N LEU C 34 -9.02 -22.44 -28.42
CA LEU C 34 -7.96 -21.67 -29.05
C LEU C 34 -7.35 -20.76 -27.98
N LEU C 35 -8.19 -20.10 -27.17
CA LEU C 35 -7.66 -19.25 -26.10
C LEU C 35 -6.85 -20.06 -25.11
N ARG C 36 -7.26 -21.31 -24.83
CA ARG C 36 -6.49 -22.16 -23.95
C ARG C 36 -5.15 -22.50 -24.59
N LEU C 37 -5.13 -22.69 -25.91
CA LEU C 37 -3.89 -23.01 -26.60
C LEU C 37 -2.95 -21.81 -26.60
N LEU C 38 -3.49 -20.60 -26.80
CA LEU C 38 -2.67 -19.39 -26.73
C LEU C 38 -2.18 -19.14 -25.31
N LYS C 39 -3.04 -19.38 -24.32
CA LYS C 39 -2.70 -19.16 -22.91
C LYS C 39 -1.78 -20.23 -22.35
N TYR C 40 -1.56 -21.32 -23.07
CA TYR C 40 -0.66 -22.34 -22.57
C TYR C 40 0.75 -21.75 -22.47
N PRO C 41 1.54 -22.14 -21.48
CA PRO C 41 2.88 -21.55 -21.33
C PRO C 41 3.79 -21.94 -22.49
N ASP C 42 4.69 -21.00 -22.84
CA ASP C 42 5.65 -21.08 -23.94
C ASP C 42 5.00 -20.90 -25.30
N VAL C 43 3.68 -20.72 -25.37
CA VAL C 43 3.05 -20.41 -26.65
C VAL C 43 3.49 -19.04 -27.14
N ILE C 44 3.65 -18.08 -26.23
CA ILE C 44 4.13 -16.75 -26.56
C ILE C 44 5.61 -16.68 -26.18
N GLN C 45 6.45 -16.32 -27.15
CA GLN C 45 7.89 -16.22 -26.96
C GLN C 45 8.38 -14.87 -27.45
N GLU C 46 9.31 -14.28 -26.69
CA GLU C 46 9.93 -13.00 -26.98
C GLU C 46 11.42 -13.18 -27.30
N LEU C 47 11.89 -12.50 -28.33
CA LEU C 47 13.28 -12.58 -28.79
C LEU C 47 13.93 -11.20 -28.71
N LYS C 48 15.13 -11.15 -28.13
CA LYS C 48 15.92 -9.93 -28.03
C LYS C 48 16.95 -9.91 -29.15
N PHE C 49 16.98 -8.81 -29.90
CA PHE C 49 17.87 -8.69 -31.04
C PHE C 49 19.27 -8.31 -30.59
N ASP C 50 20.27 -9.01 -31.11
CA ASP C 50 21.67 -8.70 -30.86
C ASP C 50 22.21 -7.92 -32.06
N GLU C 51 22.60 -6.67 -31.82
CA GLU C 51 23.04 -5.81 -32.92
C GLU C 51 24.45 -6.16 -33.40
N HIS C 52 25.30 -6.68 -32.52
CA HIS C 52 26.67 -6.97 -32.91
C HIS C 52 26.74 -8.14 -33.86
N ASN C 53 26.09 -9.25 -33.53
CA ASN C 53 26.00 -10.40 -34.42
C ASN C 53 24.59 -10.40 -35.01
N LYS C 54 24.45 -9.82 -36.21
CA LYS C 54 23.15 -9.72 -36.84
C LYS C 54 22.63 -11.09 -37.30
N TYR C 55 23.50 -11.89 -37.91
CA TYR C 55 23.16 -13.23 -38.37
C TYR C 55 23.67 -14.25 -37.34
N TYR C 56 22.73 -14.94 -36.68
CA TYR C 56 23.10 -15.87 -35.62
C TYR C 56 22.07 -16.99 -35.58
N ALA C 57 22.47 -18.12 -34.99
CA ALA C 57 21.61 -19.29 -34.92
C ALA C 57 20.33 -19.02 -34.16
N ARG C 58 20.37 -18.11 -33.18
CA ARG C 58 19.18 -17.77 -32.43
C ARG C 58 18.23 -16.90 -33.25
N HIS C 59 18.76 -16.02 -34.11
CA HIS C 59 17.93 -15.11 -34.87
C HIS C 59 17.07 -15.83 -35.91
N TYR C 60 17.47 -17.02 -36.35
CA TYR C 60 16.67 -17.74 -37.33
C TYR C 60 15.52 -18.44 -36.63
N LEU C 61 14.29 -18.03 -36.96
CA LEU C 61 13.12 -18.76 -36.49
C LEU C 61 12.84 -19.97 -37.38
N TYR C 62 13.17 -19.86 -38.66
CA TYR C 62 13.17 -20.99 -39.60
C TYR C 62 14.52 -21.01 -40.29
N THR C 63 15.13 -22.20 -40.37
CA THR C 63 16.42 -22.39 -41.01
C THR C 63 16.24 -23.16 -42.32
N ARG C 64 17.10 -22.83 -43.29
CA ARG C 64 16.95 -23.35 -44.65
C ARG C 64 17.15 -24.86 -44.70
N ASN C 65 16.18 -25.55 -45.30
CA ASN C 65 16.24 -26.98 -45.63
C ASN C 65 16.30 -27.87 -44.40
N LYS C 66 16.24 -27.32 -43.20
CA LYS C 66 16.20 -28.06 -41.95
C LYS C 66 14.76 -28.20 -41.46
N PRO C 67 14.47 -29.23 -40.67
CA PRO C 67 13.07 -29.48 -40.29
C PRO C 67 12.56 -28.49 -39.26
N ALA C 68 11.25 -28.22 -39.35
CA ALA C 68 10.52 -27.45 -38.34
C ALA C 68 9.10 -27.99 -38.30
N ASP C 69 8.59 -28.23 -37.09
CA ASP C 69 7.27 -28.81 -36.91
C ASP C 69 6.17 -27.84 -36.48
N TYR C 70 6.44 -26.54 -36.40
CA TYR C 70 5.49 -25.63 -35.77
C TYR C 70 5.17 -24.42 -36.63
N PHE C 71 4.06 -23.77 -36.28
CA PHE C 71 3.54 -22.58 -36.93
C PHE C 71 3.66 -21.38 -36.00
N ILE C 72 4.15 -20.27 -36.54
CA ILE C 72 4.38 -19.04 -35.78
C ILE C 72 3.66 -17.88 -36.46
N LEU C 73 3.03 -17.05 -35.63
CA LEU C 73 2.41 -15.80 -36.06
C LEU C 73 3.11 -14.65 -35.35
N ILE C 74 3.68 -13.72 -36.11
CA ILE C 74 4.50 -12.66 -35.53
C ILE C 74 3.60 -11.52 -35.08
N LEU C 75 3.58 -11.24 -33.77
CA LEU C 75 2.78 -10.13 -33.26
C LEU C 75 3.53 -8.80 -33.36
N GLN C 76 4.84 -8.79 -33.10
CA GLN C 76 5.57 -7.53 -33.07
C GLN C 76 6.97 -7.74 -33.63
N GLY C 77 7.55 -6.64 -34.11
CA GLY C 77 8.88 -6.65 -34.68
C GLY C 77 8.87 -6.59 -36.20
N LYS C 78 10.08 -6.72 -36.77
CA LYS C 78 10.25 -6.75 -38.21
C LYS C 78 11.11 -7.94 -38.57
N VAL C 79 10.77 -8.59 -39.70
CA VAL C 79 11.34 -9.88 -40.07
C VAL C 79 11.54 -9.91 -41.58
N GLU C 80 12.39 -10.85 -42.03
CA GLU C 80 12.66 -11.03 -43.45
C GLU C 80 12.69 -12.52 -43.80
N VAL C 81 12.23 -12.84 -45.01
CA VAL C 81 12.22 -14.21 -45.51
C VAL C 81 13.23 -14.30 -46.65
N GLU C 82 14.16 -15.24 -46.53
CA GLU C 82 15.24 -15.46 -47.48
C GLU C 82 14.95 -16.56 -48.50
N ALA C 83 13.71 -17.03 -48.61
CA ALA C 83 13.46 -18.25 -49.36
C ALA C 83 13.39 -17.99 -50.86
N GLY C 84 13.68 -19.05 -51.61
CA GLY C 84 13.62 -19.02 -53.05
C GLY C 84 14.64 -19.99 -53.63
N LYS C 85 14.60 -20.13 -54.95
CA LYS C 85 15.69 -20.82 -55.64
C LYS C 85 16.86 -19.87 -55.85
N GLU C 86 16.57 -18.60 -56.11
CA GLU C 86 17.56 -17.55 -56.28
C GLU C 86 17.97 -16.90 -54.96
N ASN C 87 17.40 -17.34 -53.84
CA ASN C 87 17.68 -16.79 -52.52
C ASN C 87 17.33 -15.30 -52.47
N LYS C 89 15.10 -12.08 -50.97
CA LYS C 89 14.78 -11.69 -49.60
C LYS C 89 13.66 -10.66 -49.60
N PHE C 90 12.64 -10.91 -48.77
CA PHE C 90 11.51 -10.00 -48.62
C PHE C 90 11.41 -9.54 -47.17
N GLU C 91 10.90 -8.33 -46.98
CA GLU C 91 10.71 -7.77 -45.64
C GLU C 91 9.23 -7.78 -45.30
N THR C 92 8.91 -8.34 -44.15
CA THR C 92 7.55 -8.44 -43.64
C THR C 92 7.50 -8.00 -42.19
N GLY C 93 6.29 -7.82 -41.70
CA GLY C 93 6.05 -7.20 -40.41
C GLY C 93 5.00 -7.94 -39.60
N ALA C 94 4.50 -7.31 -38.55
CA ALA C 94 3.64 -7.97 -37.59
C ALA C 94 2.44 -8.64 -38.24
N PHE C 95 2.01 -9.75 -37.63
CA PHE C 95 0.85 -10.54 -38.02
C PHE C 95 1.02 -11.23 -39.37
N SER C 96 2.24 -11.58 -39.73
CA SER C 96 2.51 -12.43 -40.89
C SER C 96 2.85 -13.82 -40.38
N TYR C 97 2.10 -14.83 -40.83
CA TYR C 97 2.21 -16.17 -40.28
C TYR C 97 3.00 -17.07 -41.20
N TYR C 98 3.84 -17.92 -40.60
CA TYR C 98 4.71 -18.82 -41.32
C TYR C 98 4.61 -20.22 -40.70
N GLY C 99 4.76 -21.24 -41.55
CA GLY C 99 4.68 -22.60 -41.08
C GLY C 99 3.28 -23.15 -40.86
N THR C 100 2.31 -22.75 -41.67
CA THR C 100 0.91 -23.13 -41.42
C THR C 100 0.67 -24.61 -41.66
N ALA C 102 2.92 -26.96 -41.63
CA ALA C 102 3.78 -27.77 -40.78
C ALA C 102 3.01 -28.41 -39.64
N LEU C 103 1.81 -27.90 -39.35
CA LEU C 103 0.99 -28.46 -38.28
C LEU C 103 0.41 -29.82 -38.67
N THR C 104 0.08 -30.01 -39.94
CA THR C 104 -0.48 -31.27 -40.38
C THR C 104 0.55 -32.40 -40.25
N SER C 105 0.03 -33.62 -40.13
CA SER C 105 0.88 -34.80 -39.94
C SER C 105 1.77 -35.04 -41.15
N TYR C 153 8.63 -31.68 -41.52
CA TYR C 153 8.58 -30.59 -42.50
C TYR C 153 9.94 -29.91 -42.66
N ILE C 154 10.69 -30.32 -43.68
CA ILE C 154 11.89 -29.59 -44.04
C ILE C 154 11.49 -28.21 -44.52
N SER C 155 12.11 -27.18 -43.96
CA SER C 155 11.68 -25.80 -44.19
C SER C 155 12.48 -25.20 -45.34
N ASP C 156 11.79 -24.93 -46.45
CA ASP C 156 12.42 -24.26 -47.57
C ASP C 156 12.61 -22.77 -47.29
N PHE C 157 11.72 -22.20 -46.48
CA PHE C 157 11.77 -20.78 -46.13
C PHE C 157 12.69 -20.52 -44.95
N SER C 158 13.39 -19.39 -44.99
CA SER C 158 14.27 -18.94 -43.92
C SER C 158 13.73 -17.67 -43.30
N VAL C 159 13.36 -17.73 -42.03
CA VAL C 159 12.80 -16.60 -41.31
C VAL C 159 13.84 -16.13 -40.30
N ARG C 160 14.35 -14.92 -40.50
CA ARG C 160 15.39 -14.36 -39.64
C ARG C 160 14.91 -13.05 -39.02
N ALA C 161 15.30 -12.80 -37.78
CA ALA C 161 14.81 -11.64 -37.05
C ALA C 161 15.54 -10.39 -37.50
N LEU C 162 14.80 -9.43 -38.05
CA LEU C 162 15.44 -8.17 -38.42
C LEU C 162 15.52 -7.22 -37.23
N VAL C 163 14.48 -7.18 -36.38
CA VAL C 163 14.44 -6.28 -35.23
C VAL C 163 13.90 -7.08 -34.04
N ASP C 164 13.85 -6.44 -32.86
CA ASP C 164 13.24 -7.06 -31.70
C ASP C 164 11.81 -7.43 -32.03
N LEU C 165 11.47 -8.72 -31.88
CA LEU C 165 10.17 -9.22 -32.25
C LEU C 165 9.57 -10.05 -31.11
N GLN C 166 8.26 -10.20 -31.17
CA GLN C 166 7.49 -10.99 -30.22
C GLN C 166 6.54 -11.85 -31.04
N TYR C 167 6.65 -13.18 -30.88
CA TYR C 167 5.91 -14.11 -31.73
C TYR C 167 5.26 -15.19 -30.88
N ILE C 168 4.31 -15.88 -31.47
CA ILE C 168 3.68 -17.06 -30.86
C ILE C 168 4.10 -18.29 -31.64
N LYS C 169 4.43 -19.36 -30.92
CA LYS C 169 4.86 -20.61 -31.50
C LYS C 169 3.86 -21.69 -31.11
N ILE C 170 3.25 -22.33 -32.11
CA ILE C 170 2.25 -23.37 -31.88
C ILE C 170 2.75 -24.66 -32.50
N THR C 171 3.00 -25.65 -31.66
CA THR C 171 3.56 -26.92 -32.07
C THR C 171 2.50 -27.79 -32.75
N ARG C 172 2.96 -28.79 -33.51
CA ARG C 172 2.02 -29.73 -34.12
C ARG C 172 1.33 -30.57 -33.05
N GLN C 173 2.05 -30.94 -32.00
CA GLN C 173 1.46 -31.69 -30.90
C GLN C 173 0.40 -30.84 -30.20
N GLN C 174 0.73 -29.60 -29.88
CA GLN C 174 -0.24 -28.69 -29.27
C GLN C 174 -1.44 -28.52 -30.17
N TYR C 175 -1.19 -28.41 -31.49
CA TYR C 175 -2.28 -28.20 -32.44
C TYR C 175 -3.23 -29.39 -32.49
N GLN C 176 -2.68 -30.60 -32.68
CA GLN C 176 -3.52 -31.79 -32.81
C GLN C 176 -4.22 -32.10 -31.50
N ASN C 177 -3.52 -31.98 -30.37
CA ASN C 177 -4.14 -32.22 -29.08
C ASN C 177 -5.23 -31.20 -28.81
N GLY C 178 -4.99 -29.94 -29.17
CA GLY C 178 -6.02 -28.93 -29.05
C GLY C 178 -7.23 -29.22 -29.93
N LEU C 179 -6.99 -29.78 -31.12
CA LEU C 179 -8.10 -30.20 -31.96
C LEU C 179 -8.89 -31.31 -31.30
N LEU C 180 -8.20 -32.27 -30.68
CA LEU C 180 -8.89 -33.36 -30.00
C LEU C 180 -9.73 -32.82 -28.84
N ALA C 181 -9.17 -31.86 -28.08
CA ALA C 181 -9.95 -31.27 -27.00
C ALA C 181 -11.10 -30.44 -27.53
N SER C 182 -10.95 -29.89 -28.74
CA SER C 182 -12.05 -29.16 -29.37
C SER C 182 -13.18 -30.11 -29.74
N ARG C 183 -12.85 -31.34 -30.11
CA ARG C 183 -13.87 -32.33 -30.42
C ARG C 183 -14.74 -32.63 -29.21
N GLU C 185 -17.29 -31.72 -26.37
CA GLU C 185 -18.44 -30.84 -26.52
C GLU C 185 -18.11 -29.44 -26.02
N ASN C 186 -18.29 -28.45 -26.89
CA ASN C 186 -17.95 -27.06 -26.57
C ASN C 186 -18.53 -26.12 -27.62
N LYS D 4 -45.38 -37.03 -22.16
CA LYS D 4 -45.56 -35.61 -21.91
C LYS D 4 -46.23 -35.39 -20.56
N ILE D 5 -45.80 -34.34 -19.87
CA ILE D 5 -46.46 -33.89 -18.65
C ILE D 5 -47.61 -32.97 -19.04
N SER D 6 -48.76 -33.16 -18.39
CA SER D 6 -49.92 -32.35 -18.69
C SER D 6 -49.75 -30.94 -18.11
N PRO D 7 -50.44 -29.95 -18.69
CA PRO D 7 -50.29 -28.59 -18.17
C PRO D 7 -50.76 -28.42 -16.75
N GLN D 8 -51.83 -29.13 -16.35
CA GLN D 8 -52.29 -29.05 -14.98
C GLN D 8 -51.25 -29.57 -14.00
N LEU D 9 -50.57 -30.67 -14.36
CA LEU D 9 -49.50 -31.20 -13.51
C LEU D 9 -48.35 -30.22 -13.40
N LEU D 10 -47.98 -29.59 -14.52
CA LEU D 10 -46.88 -28.63 -14.51
C LEU D 10 -47.24 -27.41 -13.67
N LEU D 11 -48.46 -26.89 -13.82
CA LEU D 11 -48.89 -25.73 -13.04
C LEU D 11 -48.92 -26.06 -11.55
N ALA D 12 -49.49 -27.22 -11.20
CA ALA D 12 -49.47 -27.66 -9.82
C ALA D 12 -48.04 -27.78 -9.30
N ALA D 13 -47.12 -28.24 -10.14
CA ALA D 13 -45.71 -28.33 -9.73
C ALA D 13 -45.11 -26.95 -9.50
N HIS D 14 -45.50 -25.97 -10.31
CA HIS D 14 -45.07 -24.59 -10.08
C HIS D 14 -45.60 -24.08 -8.74
N ARG D 15 -46.87 -24.37 -8.46
CA ARG D 15 -47.46 -24.05 -7.16
C ARG D 15 -46.65 -24.66 -6.03
N PHE D 16 -46.36 -25.95 -6.13
CA PHE D 16 -45.68 -26.66 -5.05
C PHE D 16 -44.27 -26.13 -4.83
N LEU D 17 -43.54 -25.86 -5.93
CA LEU D 17 -42.20 -25.30 -5.79
C LEU D 17 -42.24 -23.91 -5.16
N ALA D 18 -43.19 -23.08 -5.57
CA ALA D 18 -43.25 -21.73 -5.03
C ALA D 18 -43.60 -21.73 -3.56
N THR D 19 -44.68 -22.41 -3.19
CA THR D 19 -45.17 -22.34 -1.81
C THR D 19 -44.37 -23.22 -0.85
N GLU D 20 -44.15 -24.48 -1.21
CA GLU D 20 -43.66 -25.50 -0.27
C GLU D 20 -42.16 -25.73 -0.34
N VAL D 21 -41.40 -24.83 -0.96
CA VAL D 21 -39.95 -24.95 -1.03
C VAL D 21 -39.33 -23.60 -0.69
N SER D 22 -38.29 -23.63 0.14
CA SER D 22 -37.63 -22.39 0.58
C SER D 22 -37.00 -21.66 -0.60
N GLN D 23 -36.11 -22.34 -1.33
CA GLN D 23 -35.31 -21.67 -2.35
C GLN D 23 -36.16 -21.11 -3.48
N PHE D 24 -37.31 -21.71 -3.76
CA PHE D 24 -38.16 -21.34 -4.88
C PHE D 24 -39.27 -20.36 -4.50
N SER D 25 -39.25 -19.82 -3.28
CA SER D 25 -40.34 -18.98 -2.79
C SER D 25 -40.66 -17.87 -3.79
N PRO D 26 -41.93 -17.47 -3.92
CA PRO D 26 -42.29 -16.46 -4.93
C PRO D 26 -41.69 -15.09 -4.64
N SER D 27 -41.47 -14.74 -3.38
CA SER D 27 -40.79 -13.49 -3.07
C SER D 27 -39.34 -13.52 -3.53
N LEU D 28 -38.71 -14.70 -3.44
CA LEU D 28 -37.32 -14.84 -3.85
C LEU D 28 -37.21 -14.81 -5.37
N ILE D 29 -38.09 -15.54 -6.06
CA ILE D 29 -38.14 -15.53 -7.52
C ILE D 29 -39.59 -15.30 -7.92
N SER D 30 -39.82 -14.27 -8.74
CA SER D 30 -41.19 -13.89 -9.07
C SER D 30 -41.89 -15.00 -9.84
N GLU D 31 -43.23 -14.99 -9.76
CA GLU D 31 -44.03 -16.06 -10.33
C GLU D 31 -43.83 -16.18 -11.83
N LYS D 32 -43.81 -15.04 -12.53
CA LYS D 32 -43.61 -15.06 -13.98
C LYS D 32 -42.29 -15.72 -14.34
N ILE D 33 -41.23 -15.46 -13.56
CA ILE D 33 -39.95 -16.08 -13.83
C ILE D 33 -39.93 -17.54 -13.39
N LEU D 34 -40.83 -17.94 -12.47
CA LEU D 34 -41.04 -19.36 -12.26
C LEU D 34 -41.62 -20.01 -13.51
N LEU D 35 -42.62 -19.37 -14.11
CA LEU D 35 -43.22 -19.92 -15.33
C LEU D 35 -42.20 -19.99 -16.46
N ARG D 36 -41.38 -18.95 -16.62
CA ARG D 36 -40.38 -18.95 -17.68
C ARG D 36 -39.26 -19.95 -17.40
N LEU D 37 -38.87 -20.09 -16.13
CA LEU D 37 -37.78 -21.01 -15.79
C LEU D 37 -38.22 -22.46 -15.96
N LEU D 38 -39.45 -22.78 -15.57
CA LEU D 38 -39.98 -24.12 -15.85
C LEU D 38 -40.15 -24.31 -17.35
N LYS D 39 -40.55 -23.26 -18.06
CA LYS D 39 -40.68 -23.32 -19.51
C LYS D 39 -39.33 -23.35 -20.23
N TYR D 40 -38.23 -23.13 -19.50
CA TYR D 40 -36.91 -23.15 -20.12
C TYR D 40 -36.62 -24.53 -20.70
N PRO D 41 -35.92 -24.60 -21.83
CA PRO D 41 -35.66 -25.91 -22.44
C PRO D 41 -34.73 -26.77 -21.59
N ASP D 42 -34.97 -28.08 -21.64
CA ASP D 42 -34.24 -29.13 -20.93
C ASP D 42 -34.47 -29.13 -19.43
N VAL D 43 -35.28 -28.20 -18.91
CA VAL D 43 -35.61 -28.23 -17.48
C VAL D 43 -36.42 -29.47 -17.15
N ILE D 44 -37.32 -29.88 -18.03
CA ILE D 44 -38.12 -31.08 -17.84
C ILE D 44 -37.50 -32.21 -18.66
N GLN D 45 -37.17 -33.31 -17.98
CA GLN D 45 -36.59 -34.49 -18.61
C GLN D 45 -37.40 -35.72 -18.21
N GLU D 46 -37.63 -36.61 -19.17
CA GLU D 46 -38.35 -37.85 -18.93
C GLU D 46 -37.40 -39.02 -19.13
N LEU D 47 -37.44 -39.97 -18.21
CA LEU D 47 -36.56 -41.15 -18.23
C LEU D 47 -37.41 -42.41 -18.30
N LYS D 48 -37.05 -43.30 -19.22
CA LYS D 48 -37.71 -44.59 -19.36
C LYS D 48 -36.88 -45.64 -18.64
N PHE D 49 -37.52 -46.40 -17.78
CA PHE D 49 -36.82 -47.39 -16.97
C PHE D 49 -36.50 -48.61 -17.82
N ASP D 50 -35.25 -49.06 -17.75
CA ASP D 50 -34.80 -50.24 -18.49
C ASP D 50 -34.84 -51.43 -17.54
N GLU D 51 -35.69 -52.41 -17.88
CA GLU D 51 -35.93 -53.55 -17.00
C GLU D 51 -34.79 -54.55 -16.99
N HIS D 52 -34.04 -54.67 -18.09
CA HIS D 52 -32.99 -55.68 -18.14
C HIS D 52 -31.85 -55.35 -17.20
N ASN D 53 -31.35 -54.11 -17.27
CA ASN D 53 -30.34 -53.63 -16.32
C ASN D 53 -31.04 -52.67 -15.38
N LYS D 54 -31.47 -53.17 -14.22
CA LYS D 54 -32.18 -52.34 -13.26
C LYS D 54 -31.25 -51.31 -12.62
N TYR D 55 -30.02 -51.72 -12.28
CA TYR D 55 -29.01 -50.83 -11.73
C TYR D 55 -28.09 -50.42 -12.88
N TYR D 56 -28.13 -49.13 -13.24
CA TYR D 56 -27.36 -48.64 -14.36
C TYR D 56 -27.05 -47.18 -14.14
N ALA D 57 -25.98 -46.71 -14.81
CA ALA D 57 -25.55 -45.33 -14.64
C ALA D 57 -26.62 -44.35 -15.11
N ARG D 58 -27.38 -44.72 -16.14
CA ARG D 58 -28.45 -43.84 -16.61
C ARG D 58 -29.60 -43.77 -15.61
N HIS D 59 -29.85 -44.85 -14.87
CA HIS D 59 -31.01 -44.88 -13.98
C HIS D 59 -30.79 -44.09 -12.69
N TYR D 60 -29.55 -43.91 -12.26
CA TYR D 60 -29.29 -43.14 -11.05
C TYR D 60 -29.34 -41.65 -11.37
N LEU D 61 -30.29 -40.94 -10.76
CA LEU D 61 -30.34 -39.48 -10.90
C LEU D 61 -29.35 -38.78 -9.97
N TYR D 62 -29.09 -39.35 -8.79
CA TYR D 62 -28.03 -38.90 -7.90
C TYR D 62 -27.18 -40.11 -7.52
N THR D 63 -25.87 -39.92 -7.54
CA THR D 63 -24.93 -40.95 -7.15
C THR D 63 -24.26 -40.59 -5.82
N ARG D 64 -23.97 -41.62 -5.02
CA ARG D 64 -23.48 -41.43 -3.67
C ARG D 64 -22.08 -40.81 -3.67
N ASN D 65 -21.91 -39.75 -2.88
CA ASN D 65 -20.64 -39.11 -2.56
C ASN D 65 -20.00 -38.44 -3.78
N LYS D 66 -20.66 -38.43 -4.92
CA LYS D 66 -20.21 -37.72 -6.10
C LYS D 66 -20.90 -36.37 -6.22
N PRO D 67 -20.28 -35.41 -6.89
CA PRO D 67 -20.84 -34.05 -6.91
C PRO D 67 -22.05 -33.95 -7.82
N ALA D 68 -22.96 -33.04 -7.45
CA ALA D 68 -24.07 -32.67 -8.32
C ALA D 68 -24.40 -31.20 -8.08
N ASP D 69 -24.59 -30.45 -9.16
CA ASP D 69 -24.88 -29.03 -9.09
C ASP D 69 -26.35 -28.70 -9.33
N TYR D 70 -27.23 -29.69 -9.41
CA TYR D 70 -28.61 -29.45 -9.84
C TYR D 70 -29.60 -30.04 -8.85
N PHE D 71 -30.81 -29.50 -8.90
CA PHE D 71 -31.94 -29.92 -8.08
C PHE D 71 -33.02 -30.50 -8.99
N ILE D 72 -33.56 -31.67 -8.62
CA ILE D 72 -34.57 -32.33 -9.42
C ILE D 72 -35.81 -32.55 -8.57
N LEU D 73 -36.97 -32.27 -9.16
CA LEU D 73 -38.26 -32.56 -8.54
C LEU D 73 -38.99 -33.57 -9.42
N ILE D 74 -39.35 -34.70 -8.82
CA ILE D 74 -39.91 -35.82 -9.57
C ILE D 74 -41.41 -35.60 -9.76
N LEU D 75 -41.83 -35.49 -11.02
CA LEU D 75 -43.24 -35.31 -11.33
C LEU D 75 -44.00 -36.63 -11.31
N GLN D 76 -43.40 -37.69 -11.86
CA GLN D 76 -44.08 -38.97 -11.96
C GLN D 76 -43.07 -40.09 -11.80
N GLY D 77 -43.58 -41.26 -11.43
CA GLY D 77 -42.75 -42.43 -11.26
C GLY D 77 -42.48 -42.77 -9.80
N LYS D 78 -41.60 -43.75 -9.63
CA LYS D 78 -41.16 -44.20 -8.31
C LYS D 78 -39.64 -44.26 -8.29
N VAL D 79 -39.06 -43.92 -7.14
CA VAL D 79 -37.63 -43.74 -7.01
C VAL D 79 -37.17 -44.28 -5.65
N GLU D 80 -35.87 -44.51 -5.51
CA GLU D 80 -35.31 -45.00 -4.25
C GLU D 80 -34.05 -44.24 -3.87
N VAL D 81 -33.88 -44.02 -2.57
CA VAL D 81 -32.74 -43.31 -1.99
C VAL D 81 -31.96 -44.26 -1.08
N GLU D 82 -30.65 -44.36 -1.31
CA GLU D 82 -29.75 -45.22 -0.56
C GLU D 82 -29.03 -44.51 0.58
N ALA D 83 -29.41 -43.28 0.92
CA ALA D 83 -28.61 -42.47 1.82
C ALA D 83 -28.50 -43.09 3.21
N GLY D 84 -27.46 -42.69 3.92
CA GLY D 84 -27.18 -43.12 5.28
C GLY D 84 -25.96 -44.03 5.36
N LYS D 85 -25.36 -44.07 6.55
CA LYS D 85 -24.18 -44.90 6.78
C LYS D 85 -24.51 -46.38 6.77
N GLU D 86 -25.70 -46.75 7.22
CA GLU D 86 -26.11 -48.15 7.24
C GLU D 86 -26.69 -48.60 5.90
N ASN D 87 -26.74 -47.71 4.91
CA ASN D 87 -27.24 -48.01 3.57
C ASN D 87 -28.69 -48.49 3.62
N LYS D 89 -32.33 -48.18 2.47
CA LYS D 89 -32.91 -47.72 1.22
C LYS D 89 -34.40 -47.44 1.41
N PHE D 90 -34.85 -46.28 0.95
CA PHE D 90 -36.24 -45.88 1.05
C PHE D 90 -36.84 -45.67 -0.32
N GLU D 91 -38.14 -45.91 -0.41
CA GLU D 91 -38.89 -45.76 -1.65
C GLU D 91 -39.76 -44.52 -1.55
N THR D 92 -39.67 -43.66 -2.57
CA THR D 92 -40.43 -42.42 -2.65
C THR D 92 -41.08 -42.31 -4.02
N GLY D 93 -41.93 -41.30 -4.15
CA GLY D 93 -42.82 -41.15 -5.29
C GLY D 93 -42.93 -39.72 -5.77
N ALA D 94 -43.94 -39.43 -6.58
CA ALA D 94 -44.06 -38.13 -7.23
C ALA D 94 -43.96 -36.98 -6.23
N PHE D 95 -43.36 -35.88 -6.69
CA PHE D 95 -43.20 -34.65 -5.93
C PHE D 95 -42.27 -34.80 -4.73
N SER D 96 -41.26 -35.67 -4.86
CA SER D 96 -40.19 -35.75 -3.88
C SER D 96 -38.97 -35.04 -4.47
N TYR D 97 -38.49 -34.03 -3.77
CA TYR D 97 -37.44 -33.16 -4.29
C TYR D 97 -36.10 -33.47 -3.65
N TYR D 98 -35.05 -33.45 -4.47
CA TYR D 98 -33.70 -33.78 -4.05
C TYR D 98 -32.74 -32.72 -4.54
N GLY D 99 -31.69 -32.46 -3.76
CA GLY D 99 -30.74 -31.43 -4.11
C GLY D 99 -31.20 -30.02 -3.80
N THR D 100 -31.95 -29.84 -2.71
CA THR D 100 -32.54 -28.54 -2.43
C THR D 100 -31.47 -27.52 -2.04
N ALA D 102 -28.40 -27.84 -2.86
CA ALA D 102 -27.40 -27.86 -3.91
C ALA D 102 -27.51 -26.65 -4.84
N LEU D 103 -28.67 -25.99 -4.85
CA LEU D 103 -28.82 -24.80 -5.69
C LEU D 103 -28.09 -23.59 -5.09
N THR D 104 -28.08 -23.47 -3.77
CA THR D 104 -27.45 -22.36 -3.10
C THR D 104 -25.93 -22.38 -3.27
N GLY D 151 -15.30 -23.86 -3.39
CA GLY D 151 -16.28 -24.74 -2.81
C GLY D 151 -16.98 -25.64 -3.81
N GLN D 152 -17.50 -26.76 -3.33
CA GLN D 152 -18.19 -27.72 -4.19
C GLN D 152 -19.26 -28.43 -3.38
N TYR D 153 -20.20 -29.05 -4.09
CA TYR D 153 -21.31 -29.78 -3.48
C TYR D 153 -21.10 -31.28 -3.68
N ILE D 154 -21.03 -32.02 -2.58
CA ILE D 154 -21.01 -33.48 -2.59
C ILE D 154 -22.37 -34.00 -2.15
N SER D 155 -22.92 -34.93 -2.92
CA SER D 155 -24.25 -35.49 -2.67
C SER D 155 -24.06 -36.78 -1.88
N ASP D 156 -24.51 -36.79 -0.62
CA ASP D 156 -24.38 -37.98 0.19
C ASP D 156 -25.37 -39.07 -0.22
N PHE D 157 -26.55 -38.69 -0.67
CA PHE D 157 -27.58 -39.64 -1.08
C PHE D 157 -27.40 -40.07 -2.53
N SER D 158 -27.76 -41.31 -2.82
CA SER D 158 -27.77 -41.84 -4.18
C SER D 158 -29.22 -42.11 -4.55
N VAL D 159 -29.72 -41.43 -5.57
CA VAL D 159 -31.10 -41.51 -6.00
C VAL D 159 -31.15 -42.36 -7.27
N ARG D 160 -31.87 -43.48 -7.19
CA ARG D 160 -31.95 -44.48 -8.24
C ARG D 160 -33.37 -44.64 -8.75
N ALA D 161 -33.51 -44.85 -10.06
CA ALA D 161 -34.83 -44.93 -10.68
C ALA D 161 -35.40 -46.33 -10.46
N LEU D 162 -36.51 -46.42 -9.74
CA LEU D 162 -37.20 -47.69 -9.56
C LEU D 162 -38.15 -48.00 -10.71
N VAL D 163 -38.81 -46.98 -11.27
CA VAL D 163 -39.79 -47.14 -12.34
C VAL D 163 -39.59 -46.03 -13.36
N ASP D 164 -40.41 -46.06 -14.42
CA ASP D 164 -40.41 -44.98 -15.39
C ASP D 164 -40.74 -43.67 -14.69
N LEU D 165 -39.85 -42.68 -14.79
CA LEU D 165 -40.05 -41.42 -14.09
C LEU D 165 -39.88 -40.23 -15.04
N GLN D 166 -40.51 -39.13 -14.65
CA GLN D 166 -40.43 -37.86 -15.36
C GLN D 166 -40.20 -36.79 -14.32
N TYR D 167 -39.08 -36.08 -14.45
CA TYR D 167 -38.65 -35.14 -13.43
C TYR D 167 -38.27 -33.82 -14.07
N ILE D 168 -38.15 -32.79 -13.22
CA ILE D 168 -37.66 -31.49 -13.65
C ILE D 168 -36.28 -31.29 -13.04
N LYS D 169 -35.35 -30.80 -13.85
CA LYS D 169 -33.97 -30.57 -13.44
C LYS D 169 -33.67 -29.10 -13.59
N ILE D 170 -33.29 -28.45 -12.50
CA ILE D 170 -32.93 -27.05 -12.47
C ILE D 170 -31.51 -26.94 -11.95
N THR D 171 -30.59 -26.48 -12.80
CA THR D 171 -29.20 -26.37 -12.44
C THR D 171 -28.96 -25.07 -11.65
N ARG D 172 -27.72 -24.93 -11.15
CA ARG D 172 -27.37 -23.71 -10.43
C ARG D 172 -27.38 -22.49 -11.33
N GLN D 173 -26.95 -22.65 -12.59
CA GLN D 173 -26.93 -21.52 -13.52
C GLN D 173 -28.33 -21.01 -13.82
N GLN D 174 -29.26 -21.92 -14.15
CA GLN D 174 -30.63 -21.52 -14.43
C GLN D 174 -31.27 -20.88 -13.19
N TYR D 175 -31.02 -21.45 -12.02
CA TYR D 175 -31.60 -20.94 -10.79
C TYR D 175 -31.10 -19.55 -10.47
N GLN D 176 -29.78 -19.35 -10.56
CA GLN D 176 -29.19 -18.05 -10.26
C GLN D 176 -29.59 -17.00 -11.28
N ASN D 177 -29.66 -17.37 -12.56
CA ASN D 177 -30.08 -16.40 -13.58
C ASN D 177 -31.53 -15.96 -13.36
N GLY D 178 -32.42 -16.92 -13.09
CA GLY D 178 -33.79 -16.57 -12.80
C GLY D 178 -33.92 -15.76 -11.53
N LEU D 179 -33.09 -16.08 -10.54
CA LEU D 179 -33.08 -15.31 -9.30
C LEU D 179 -32.64 -13.87 -9.54
N LEU D 180 -31.60 -13.67 -10.35
CA LEU D 180 -31.13 -12.32 -10.64
C LEU D 180 -32.18 -11.52 -11.40
N ALA D 181 -32.84 -12.13 -12.39
CA ALA D 181 -33.86 -11.42 -13.12
C ALA D 181 -35.10 -11.14 -12.26
N SER D 182 -35.35 -12.00 -11.28
CA SER D 182 -36.50 -11.85 -10.39
C SER D 182 -36.37 -10.66 -9.43
N ARG D 183 -35.15 -10.33 -9.02
CA ARG D 183 -34.96 -9.28 -8.01
C ARG D 183 -35.49 -7.93 -8.46
N GLU D 185 -37.91 -5.19 -9.37
CA GLU D 185 -39.32 -4.98 -9.08
C GLU D 185 -39.56 -3.56 -8.56
N GLY E 2 9.84 -15.81 34.13
CA GLY E 2 10.03 -14.94 32.99
C GLY E 2 8.88 -14.99 31.99
N LYS E 4 6.57 -17.93 29.76
CA LYS E 4 6.23 -19.34 29.77
C LYS E 4 5.61 -19.76 28.44
N ILE E 5 5.94 -20.97 28.00
CA ILE E 5 5.55 -21.51 26.69
C ILE E 5 4.34 -22.42 26.86
N SER E 6 3.37 -22.29 25.94
CA SER E 6 2.17 -23.10 26.00
C SER E 6 2.46 -24.53 25.54
N PRO E 7 1.67 -25.50 26.00
CA PRO E 7 1.93 -26.90 25.60
C PRO E 7 1.75 -27.17 24.11
N GLN E 8 0.78 -26.51 23.47
CA GLN E 8 0.56 -26.74 22.04
C GLN E 8 1.79 -26.36 21.22
N LEU E 9 2.43 -25.24 21.56
CA LEU E 9 3.64 -24.82 20.85
C LEU E 9 4.77 -25.83 21.04
N LEU E 10 4.93 -26.35 22.25
CA LEU E 10 5.99 -27.33 22.51
C LEU E 10 5.74 -28.63 21.77
N LEU E 11 4.50 -29.14 21.81
CA LEU E 11 4.19 -30.40 21.13
C LEU E 11 4.37 -30.24 19.63
N ALA E 12 3.83 -29.16 19.07
CA ALA E 12 4.05 -28.87 17.65
C ALA E 12 5.53 -28.75 17.33
N ALA E 13 6.30 -28.19 18.26
CA ALA E 13 7.74 -28.05 18.03
C ALA E 13 8.44 -29.40 17.97
N HIS E 14 8.07 -30.35 18.84
CA HIS E 14 8.65 -31.68 18.73
C HIS E 14 8.14 -32.40 17.49
N ARG E 15 6.95 -32.05 16.99
CA ARG E 15 6.53 -32.54 15.68
C ARG E 15 7.45 -32.03 14.59
N PHE E 16 7.83 -30.75 14.67
CA PHE E 16 8.75 -30.18 13.69
C PHE E 16 10.13 -30.83 13.79
N LEU E 17 10.62 -31.06 15.00
CA LEU E 17 11.92 -31.72 15.16
C LEU E 17 11.89 -33.15 14.66
N ALA E 18 10.81 -33.88 14.97
CA ALA E 18 10.72 -35.28 14.55
C ALA E 18 10.63 -35.39 13.03
N THR E 19 9.71 -34.64 12.42
CA THR E 19 9.45 -34.80 10.99
C THR E 19 10.52 -34.13 10.14
N GLU E 20 10.83 -32.87 10.44
CA GLU E 20 11.61 -32.00 9.55
C GLU E 20 13.09 -31.92 9.89
N VAL E 21 13.61 -32.81 10.73
CA VAL E 21 15.04 -32.79 11.08
C VAL E 21 15.57 -34.23 11.02
N SER E 22 16.74 -34.38 10.40
CA SER E 22 17.38 -35.70 10.28
C SER E 22 17.78 -36.25 11.63
N GLN E 23 18.58 -35.49 12.39
CA GLN E 23 19.14 -36.00 13.63
C GLN E 23 18.07 -36.33 14.66
N PHE E 24 16.94 -35.64 14.61
CA PHE E 24 15.86 -35.79 15.59
C PHE E 24 14.79 -36.77 15.14
N SER E 25 14.99 -37.46 14.02
CA SER E 25 14.01 -38.37 13.43
C SER E 25 13.49 -39.37 14.45
N PRO E 26 12.22 -39.77 14.38
CA PRO E 26 11.68 -40.69 15.40
C PRO E 26 12.35 -42.05 15.40
N SER E 27 12.86 -42.51 14.25
CA SER E 27 13.59 -43.76 14.23
C SER E 27 14.90 -43.65 15.00
N LEU E 28 15.56 -42.49 14.94
CA LEU E 28 16.81 -42.30 15.66
C LEU E 28 16.57 -42.14 17.15
N ILE E 29 15.59 -41.33 17.53
CA ILE E 29 15.21 -41.13 18.93
C ILE E 29 13.71 -41.28 19.04
N SER E 30 13.26 -42.18 19.91
CA SER E 30 11.85 -42.51 20.02
C SER E 30 11.04 -41.29 20.51
N GLU E 31 9.75 -41.31 20.19
CA GLU E 31 8.88 -40.18 20.47
C GLU E 31 8.81 -39.89 21.97
N LYS E 32 8.72 -40.94 22.79
CA LYS E 32 8.65 -40.75 24.23
C LYS E 32 9.90 -40.03 24.74
N ILE E 33 11.06 -40.33 24.16
CA ILE E 33 12.29 -39.64 24.55
C ILE E 33 12.33 -38.22 24.00
N LEU E 34 11.61 -37.93 22.92
CA LEU E 34 11.43 -36.54 22.52
C LEU E 34 10.61 -35.78 23.55
N LEU E 35 9.48 -36.33 23.99
CA LEU E 35 8.64 -35.64 24.96
C LEU E 35 9.35 -35.48 26.30
N ARG E 36 9.99 -36.54 26.80
CA ARG E 36 10.70 -36.44 28.06
C ARG E 36 11.95 -35.59 27.94
N LEU E 37 12.61 -35.65 26.78
CA LEU E 37 13.84 -34.89 26.57
C LEU E 37 13.56 -33.41 26.50
N LEU E 38 12.47 -33.01 25.86
CA LEU E 38 12.10 -31.59 25.87
C LEU E 38 11.71 -31.15 27.27
N LYS E 39 11.02 -32.01 28.02
CA LYS E 39 10.64 -31.69 29.39
C LYS E 39 11.83 -31.77 30.34
N TYR E 40 12.96 -32.30 29.89
CA TYR E 40 14.15 -32.41 30.72
C TYR E 40 14.60 -31.02 31.17
N PRO E 41 15.19 -30.92 32.37
CA PRO E 41 15.59 -29.60 32.87
C PRO E 41 16.69 -28.99 32.02
N ASP E 42 16.64 -27.66 31.89
CA ASP E 42 17.54 -26.81 31.11
C ASP E 42 17.34 -26.97 29.61
N VAL E 43 16.42 -27.83 29.17
CA VAL E 43 16.13 -27.93 27.74
C VAL E 43 15.47 -26.66 27.23
N ILE E 44 14.63 -26.02 28.05
CA ILE E 44 13.96 -24.79 27.69
C ILE E 44 14.72 -23.61 28.30
N GLN E 45 15.09 -22.65 27.45
CA GLN E 45 15.81 -21.47 27.86
C GLN E 45 15.08 -20.22 27.39
N GLU E 46 14.97 -19.24 28.27
CA GLU E 46 14.36 -17.95 27.97
C GLU E 46 15.41 -16.87 28.08
N LEU E 47 15.46 -15.97 27.10
CA LEU E 47 16.42 -14.87 27.08
C LEU E 47 15.66 -13.56 27.01
N LYS E 48 16.03 -12.63 27.90
CA LYS E 48 15.44 -11.30 27.92
C LYS E 48 16.37 -10.33 27.20
N PHE E 49 15.82 -9.60 26.24
CA PHE E 49 16.60 -8.68 25.41
C PHE E 49 16.83 -7.36 26.15
N ASP E 50 18.07 -6.89 26.13
CA ASP E 50 18.44 -5.59 26.69
C ASP E 50 18.51 -4.58 25.55
N GLU E 51 17.65 -3.57 25.60
CA GLU E 51 17.57 -2.60 24.51
C GLU E 51 18.75 -1.65 24.50
N HIS E 52 19.38 -1.40 25.66
CA HIS E 52 20.46 -0.43 25.72
C HIS E 52 21.70 -0.92 24.98
N ASN E 53 22.13 -2.16 25.26
CA ASN E 53 23.26 -2.76 24.57
C ASN E 53 22.73 -3.78 23.57
N LYS E 54 22.64 -3.38 22.30
CA LYS E 54 22.11 -4.27 21.27
C LYS E 54 23.07 -5.42 20.96
N TYR E 55 24.36 -5.13 20.85
CA TYR E 55 25.40 -6.14 20.62
C TYR E 55 26.06 -6.46 21.96
N TYR E 56 25.88 -7.69 22.43
CA TYR E 56 26.43 -8.08 23.72
C TYR E 56 26.72 -9.57 23.72
N ALA E 57 27.59 -9.99 24.64
CA ALA E 57 28.03 -11.38 24.69
C ALA E 57 26.86 -12.32 24.96
N ARG E 58 25.96 -11.95 25.86
CA ARG E 58 24.82 -12.82 26.16
C ARG E 58 23.89 -12.95 24.96
N HIS E 59 23.76 -11.88 24.17
CA HIS E 59 22.85 -11.91 23.03
C HIS E 59 23.29 -12.88 21.94
N TYR E 60 24.58 -13.21 21.87
CA TYR E 60 25.04 -14.16 20.87
C TYR E 60 24.74 -15.57 21.35
N LEU E 61 23.87 -16.27 20.62
CA LEU E 61 23.66 -17.68 20.88
C LEU E 61 24.75 -18.51 20.21
N TYR E 62 25.25 -18.05 19.06
CA TYR E 62 26.44 -18.59 18.43
C TYR E 62 27.37 -17.43 18.09
N THR E 63 28.64 -17.58 18.43
CA THR E 63 29.66 -16.60 18.13
C THR E 63 30.60 -17.15 17.06
N ARG E 64 31.08 -16.25 16.20
CA ARG E 64 31.80 -16.67 15.00
C ARG E 64 33.12 -17.36 15.30
N ASN E 65 33.30 -18.55 14.73
CA ASN E 65 34.53 -19.35 14.72
C ASN E 65 34.96 -19.80 16.12
N LYS E 66 34.10 -19.69 17.11
CA LYS E 66 34.32 -20.20 18.46
C LYS E 66 33.55 -21.50 18.66
N PRO E 67 33.96 -22.37 19.59
CA PRO E 67 33.31 -23.68 19.71
C PRO E 67 31.92 -23.60 20.33
N ALA E 68 31.06 -24.51 19.90
CA ALA E 68 29.77 -24.76 20.54
C ALA E 68 29.42 -26.23 20.35
N ASP E 69 28.99 -26.89 21.43
CA ASP E 69 28.64 -28.30 21.39
C ASP E 69 27.14 -28.57 21.39
N TYR E 70 26.31 -27.54 21.21
CA TYR E 70 24.87 -27.71 21.41
C TYR E 70 24.06 -27.22 20.22
N PHE E 71 22.83 -27.72 20.16
CA PHE E 71 21.85 -27.37 19.14
C PHE E 71 20.69 -26.63 19.77
N ILE E 72 20.26 -25.53 19.15
CA ILE E 72 19.17 -24.72 19.67
C ILE E 72 18.08 -24.58 18.60
N LEU E 73 16.83 -24.73 19.02
CA LEU E 73 15.66 -24.47 18.19
C LEU E 73 14.87 -23.33 18.80
N ILE E 74 14.66 -22.26 18.02
CA ILE E 74 14.06 -21.04 18.53
C ILE E 74 12.53 -21.16 18.48
N LEU E 75 11.90 -21.09 19.65
CA LEU E 75 10.44 -21.13 19.72
C LEU E 75 9.82 -19.77 19.46
N GLN E 76 10.39 -18.70 20.02
CA GLN E 76 9.82 -17.37 19.89
C GLN E 76 10.93 -16.33 19.85
N GLY E 77 10.61 -15.18 19.26
CA GLY E 77 11.53 -14.07 19.12
C GLY E 77 12.06 -13.91 17.71
N LYS E 78 13.00 -12.98 17.57
CA LYS E 78 13.65 -12.71 16.30
C LYS E 78 15.16 -12.70 16.49
N VAL E 79 15.87 -13.23 15.48
CA VAL E 79 17.30 -13.47 15.57
C VAL E 79 17.91 -13.19 14.19
N GLU E 80 19.24 -12.99 14.17
CA GLU E 80 19.93 -12.75 12.91
C GLU E 80 21.23 -13.54 12.85
N VAL E 81 21.57 -13.98 11.63
CA VAL E 81 22.77 -14.76 11.35
C VAL E 81 23.72 -13.92 10.49
N GLU E 82 24.98 -13.83 10.93
CA GLU E 82 26.06 -13.09 10.27
C GLU E 82 26.92 -13.97 9.38
N ALA E 83 26.50 -15.20 9.09
CA ALA E 83 27.39 -16.18 8.47
C ALA E 83 27.70 -15.83 7.02
N GLY E 84 28.79 -16.40 6.53
CA GLY E 84 29.26 -16.26 5.17
C GLY E 84 30.53 -15.44 5.09
N LYS E 85 31.27 -15.66 3.99
CA LYS E 85 32.52 -14.93 3.76
C LYS E 85 32.28 -13.44 3.59
N GLU E 86 31.14 -13.06 3.00
CA GLU E 86 30.82 -11.66 2.80
C GLU E 86 30.16 -11.03 4.03
N ASN E 87 29.96 -11.80 5.09
CA ASN E 87 29.34 -11.32 6.33
C ASN E 87 27.97 -10.72 6.09
N LYS E 89 24.13 -10.41 6.54
CA LYS E 89 23.29 -10.66 7.71
C LYS E 89 21.86 -10.96 7.27
N PHE E 90 21.30 -12.04 7.81
CA PHE E 90 19.93 -12.43 7.52
C PHE E 90 19.11 -12.47 8.80
N GLU E 91 17.82 -12.20 8.69
CA GLU E 91 16.90 -12.18 9.81
C GLU E 91 15.99 -13.41 9.75
N THR E 92 15.90 -14.13 10.87
CA THR E 92 15.07 -15.31 11.00
C THR E 92 14.24 -15.23 12.27
N GLY E 93 13.27 -16.12 12.36
CA GLY E 93 12.22 -16.12 13.36
C GLY E 93 11.94 -17.52 13.85
N ALA E 94 10.79 -17.70 14.52
CA ALA E 94 10.49 -18.97 15.18
C ALA E 94 10.64 -20.15 14.24
N PHE E 95 11.08 -21.28 14.82
CA PHE E 95 11.25 -22.57 14.15
C PHE E 95 12.36 -22.55 13.09
N SER E 96 13.38 -21.74 13.31
CA SER E 96 14.63 -21.82 12.55
C SER E 96 15.68 -22.42 13.47
N TYR E 97 16.25 -23.56 13.08
CA TYR E 97 17.14 -24.30 13.95
C TYR E 97 18.60 -24.10 13.53
N TYR E 98 19.48 -23.95 14.52
CA TYR E 98 20.89 -23.70 14.30
C TYR E 98 21.74 -24.64 15.14
N GLY E 99 22.88 -25.03 14.58
CA GLY E 99 23.79 -25.94 15.25
C GLY E 99 23.35 -27.39 15.20
N THR E 100 22.62 -27.79 14.16
CA THR E 100 22.06 -29.12 14.06
C THR E 100 23.11 -30.20 13.80
N ALA E 102 26.22 -30.15 15.15
CA ALA E 102 27.03 -30.28 16.35
C ALA E 102 26.64 -31.48 17.21
N LEU E 103 25.47 -32.07 16.96
CA LEU E 103 25.03 -33.21 17.75
C LEU E 103 25.87 -34.46 17.49
N THR E 104 26.36 -34.62 16.26
CA THR E 104 27.15 -35.80 15.94
C THR E 104 28.46 -35.81 16.73
N SER E 105 29.01 -37.00 16.91
CA SER E 105 30.26 -37.17 17.64
C SER E 105 31.42 -36.56 16.87
N GLY E 151 35.47 -34.24 16.90
CA GLY E 151 35.15 -33.88 18.27
C GLY E 151 34.83 -32.41 18.46
N GLN E 152 35.82 -31.57 18.22
CA GLN E 152 35.63 -30.12 18.36
C GLN E 152 34.80 -29.57 17.21
N TYR E 153 34.03 -28.54 17.50
CA TYR E 153 33.13 -27.89 16.55
C TYR E 153 33.45 -26.41 16.48
N ILE E 154 33.75 -25.92 15.28
CA ILE E 154 33.93 -24.49 15.04
C ILE E 154 32.68 -23.98 14.33
N SER E 155 32.08 -22.92 14.87
CA SER E 155 30.84 -22.37 14.34
C SER E 155 31.16 -21.19 13.44
N ASP E 156 30.93 -21.35 12.13
CA ASP E 156 31.14 -20.25 11.21
C ASP E 156 30.04 -19.21 11.30
N PHE E 157 28.83 -19.63 11.65
CA PHE E 157 27.69 -18.73 11.73
C PHE E 157 27.64 -18.02 13.08
N SER E 158 27.20 -16.76 13.05
CA SER E 158 27.03 -15.96 14.26
C SER E 158 25.56 -15.66 14.45
N VAL E 159 24.98 -16.20 15.52
CA VAL E 159 23.57 -16.06 15.82
C VAL E 159 23.44 -15.10 17.00
N ARG E 160 22.82 -13.94 16.77
CA ARG E 160 22.67 -12.90 17.79
C ARG E 160 21.21 -12.57 18.00
N ALA E 161 20.83 -12.29 19.24
CA ALA E 161 19.43 -12.10 19.60
C ALA E 161 18.97 -10.69 19.20
N LEU E 162 18.01 -10.62 18.28
CA LEU E 162 17.42 -9.33 17.93
C LEU E 162 16.29 -8.91 18.87
N VAL E 163 15.50 -9.85 19.36
CA VAL E 163 14.34 -9.54 20.19
C VAL E 163 14.33 -10.50 21.38
N ASP E 164 13.38 -10.30 22.30
CA ASP E 164 13.16 -11.24 23.39
C ASP E 164 12.90 -12.62 22.83
N LEU E 165 13.66 -13.62 23.28
CA LEU E 165 13.62 -14.93 22.67
C LEU E 165 13.31 -16.03 23.68
N GLN E 166 12.77 -17.12 23.15
CA GLN E 166 12.54 -18.36 23.88
C GLN E 166 12.98 -19.49 22.97
N TYR E 167 13.98 -20.25 23.38
CA TYR E 167 14.55 -21.30 22.54
C TYR E 167 14.74 -22.54 23.38
N ILE E 168 14.91 -23.68 22.70
CA ILE E 168 15.23 -24.94 23.34
C ILE E 168 16.67 -25.32 22.97
N LYS E 169 17.43 -25.77 23.97
CA LYS E 169 18.84 -26.12 23.79
C LYS E 169 19.04 -27.59 24.12
N ILE E 170 19.57 -28.35 23.16
CA ILE E 170 19.87 -29.77 23.33
C ILE E 170 21.36 -29.95 23.06
N THR E 171 22.11 -30.35 24.09
CA THR E 171 23.54 -30.54 23.97
C THR E 171 23.86 -31.91 23.38
N ARG E 172 25.15 -32.12 23.10
CA ARG E 172 25.60 -33.40 22.57
C ARG E 172 25.39 -34.53 23.57
N GLN E 173 25.60 -34.26 24.85
CA GLN E 173 25.43 -35.29 25.88
C GLN E 173 23.98 -35.76 25.95
N GLN E 174 23.04 -34.81 25.99
CA GLN E 174 21.62 -35.16 26.00
C GLN E 174 21.25 -35.97 24.76
N TYR E 175 21.81 -35.59 23.61
CA TYR E 175 21.50 -36.29 22.37
C TYR E 175 21.99 -37.73 22.42
N GLN E 176 23.23 -37.93 22.85
CA GLN E 176 23.78 -39.30 22.91
C GLN E 176 23.04 -40.14 23.94
N ASN E 177 22.69 -39.55 25.09
CA ASN E 177 21.95 -40.28 26.10
C ASN E 177 20.57 -40.69 25.59
N GLY E 178 19.89 -39.80 24.88
CA GLY E 178 18.62 -40.16 24.28
C GLY E 178 18.74 -41.24 23.22
N LEU E 179 19.83 -41.19 22.45
CA LEU E 179 20.07 -42.23 21.45
C LEU E 179 20.28 -43.58 22.12
N LEU E 180 21.09 -43.62 23.18
CA LEU E 180 21.35 -44.88 23.87
C LEU E 180 20.08 -45.42 24.54
N ALA E 181 19.30 -44.54 25.17
CA ALA E 181 18.07 -44.99 25.83
C ALA E 181 17.01 -45.43 24.83
N SER E 182 17.04 -44.86 23.62
CA SER E 182 16.07 -45.26 22.60
C SER E 182 16.32 -46.67 22.10
N ARG E 183 17.59 -47.09 22.03
CA ARG E 183 17.93 -48.43 21.54
C ARG E 183 17.38 -49.55 22.42
N LYS F 4 10.24 -5.96 -20.24
CA LYS F 4 10.90 -4.69 -19.93
C LYS F 4 10.65 -4.28 -18.48
N ILE F 5 11.65 -3.63 -17.89
CA ILE F 5 11.54 -3.11 -16.54
C ILE F 5 10.86 -1.75 -16.60
N SER F 6 9.92 -1.52 -15.68
CA SER F 6 9.19 -0.25 -15.67
C SER F 6 10.09 0.88 -15.19
N PRO F 7 9.80 2.12 -15.61
CA PRO F 7 10.65 3.25 -15.19
C PRO F 7 10.64 3.51 -13.69
N GLN F 8 9.50 3.31 -13.01
CA GLN F 8 9.46 3.52 -11.57
C GLN F 8 10.39 2.56 -10.86
N LEU F 9 10.38 1.29 -11.27
CA LEU F 9 11.26 0.29 -10.68
C LEU F 9 12.72 0.61 -10.97
N LEU F 10 13.01 1.06 -12.18
CA LEU F 10 14.38 1.40 -12.54
C LEU F 10 14.88 2.59 -11.72
N LEU F 11 14.06 3.62 -11.56
CA LEU F 11 14.46 4.79 -10.80
C LEU F 11 14.69 4.45 -9.33
N ALA F 12 13.74 3.73 -8.72
CA ALA F 12 13.92 3.32 -7.33
C ALA F 12 15.17 2.44 -7.15
N ALA F 13 15.41 1.52 -8.09
CA ALA F 13 16.58 0.65 -7.98
C ALA F 13 17.88 1.43 -8.18
N HIS F 14 17.89 2.40 -9.09
CA HIS F 14 19.08 3.23 -9.29
C HIS F 14 19.36 4.07 -8.05
N ARG F 15 18.33 4.65 -7.45
CA ARG F 15 18.54 5.40 -6.22
C ARG F 15 18.99 4.51 -5.07
N PHE F 16 18.53 3.25 -5.05
CA PHE F 16 19.00 2.35 -4.00
C PHE F 16 20.47 1.98 -4.20
N LEU F 17 20.86 1.69 -5.44
CA LEU F 17 22.27 1.39 -5.71
C LEU F 17 23.15 2.59 -5.41
N ALA F 18 22.69 3.79 -5.77
CA ALA F 18 23.47 5.00 -5.55
C ALA F 18 23.62 5.30 -4.06
N THR F 19 22.50 5.32 -3.32
CA THR F 19 22.60 5.78 -1.93
C THR F 19 23.25 4.72 -1.04
N GLU F 20 22.68 3.52 -0.98
CA GLU F 20 23.23 2.54 -0.05
C GLU F 20 23.81 1.34 -0.80
N VAL F 21 25.06 1.47 -1.23
CA VAL F 21 25.92 0.38 -1.70
C VAL F 21 27.35 0.88 -1.57
N SER F 22 28.26 0.02 -1.10
CA SER F 22 29.65 0.43 -1.01
C SER F 22 30.22 0.69 -2.41
N GLN F 23 30.19 -0.34 -3.26
CA GLN F 23 30.84 -0.28 -4.57
C GLN F 23 30.17 0.70 -5.54
N PHE F 24 28.87 0.91 -5.41
CA PHE F 24 28.11 1.68 -6.40
C PHE F 24 27.95 3.15 -6.05
N SER F 25 28.64 3.66 -5.02
CA SER F 25 28.50 5.03 -4.56
C SER F 25 28.66 6.03 -5.71
N PRO F 26 27.92 7.14 -5.69
CA PRO F 26 27.99 8.09 -6.82
C PRO F 26 29.35 8.74 -7.00
N SER F 27 30.11 8.95 -5.92
CA SER F 27 31.47 9.45 -6.06
C SER F 27 32.36 8.43 -6.74
N LEU F 28 32.14 7.15 -6.44
CA LEU F 28 32.95 6.09 -7.03
C LEU F 28 32.61 5.89 -8.51
N ILE F 29 31.32 5.87 -8.85
CA ILE F 29 30.86 5.77 -10.22
C ILE F 29 29.83 6.88 -10.45
N SER F 30 30.06 7.72 -11.45
CA SER F 30 29.19 8.86 -11.66
C SER F 30 27.79 8.38 -12.02
N GLU F 31 26.80 9.22 -11.70
CA GLU F 31 25.40 8.81 -11.87
C GLU F 31 25.07 8.53 -13.33
N LYS F 32 25.56 9.38 -14.23
CA LYS F 32 25.28 9.20 -15.66
C LYS F 32 25.76 7.84 -16.16
N ILE F 33 26.95 7.42 -15.73
CA ILE F 33 27.47 6.13 -16.17
C ILE F 33 26.79 4.97 -15.44
N LEU F 34 26.26 5.21 -14.25
CA LEU F 34 25.39 4.21 -13.63
C LEU F 34 24.14 4.01 -14.46
N LEU F 35 23.53 5.10 -14.92
CA LEU F 35 22.36 5.01 -15.77
C LEU F 35 22.69 4.32 -17.08
N ARG F 36 23.85 4.63 -17.66
CA ARG F 36 24.24 3.98 -18.91
C ARG F 36 24.50 2.49 -18.71
N LEU F 37 25.08 2.12 -17.55
CA LEU F 37 25.32 0.71 -17.27
C LEU F 37 24.02 -0.04 -17.07
N LEU F 38 23.06 0.59 -16.39
CA LEU F 38 21.75 -0.03 -16.23
C LEU F 38 21.03 -0.16 -17.58
N LYS F 39 21.19 0.84 -18.45
CA LYS F 39 20.54 0.79 -19.75
C LYS F 39 21.20 -0.19 -20.71
N TYR F 40 22.37 -0.72 -20.37
CA TYR F 40 23.04 -1.67 -21.25
C TYR F 40 22.20 -2.95 -21.37
N PRO F 41 22.18 -3.59 -22.54
CA PRO F 41 21.41 -4.82 -22.70
C PRO F 41 22.00 -5.96 -21.90
N ASP F 42 21.11 -6.84 -21.41
CA ASP F 42 21.39 -8.01 -20.60
C ASP F 42 21.80 -7.66 -19.16
N VAL F 43 21.88 -6.38 -18.81
CA VAL F 43 22.11 -6.03 -17.42
C VAL F 43 20.89 -6.41 -16.58
N ILE F 44 19.70 -6.24 -17.14
CA ILE F 44 18.45 -6.64 -16.50
C ILE F 44 18.02 -7.96 -17.09
N GLN F 45 17.78 -8.95 -16.24
CA GLN F 45 17.38 -10.29 -16.64
C GLN F 45 16.11 -10.69 -15.92
N GLU F 46 15.21 -11.34 -16.67
CA GLU F 46 13.98 -11.91 -16.14
C GLU F 46 14.10 -13.42 -16.25
N LEU F 47 13.76 -14.11 -15.17
CA LEU F 47 13.89 -15.56 -15.09
C LEU F 47 12.52 -16.19 -14.80
N LYS F 48 12.18 -17.22 -15.56
CA LYS F 48 10.94 -17.94 -15.38
C LYS F 48 11.17 -19.19 -14.54
N PHE F 49 10.41 -19.32 -13.46
CA PHE F 49 10.56 -20.44 -12.54
C PHE F 49 9.83 -21.65 -13.08
N ASP F 50 10.48 -22.81 -13.03
CA ASP F 50 9.87 -24.08 -13.44
C ASP F 50 9.35 -24.79 -12.19
N GLU F 51 8.03 -24.98 -12.13
CA GLU F 51 7.42 -25.55 -10.95
C GLU F 51 7.66 -27.06 -10.84
N HIS F 52 7.80 -27.75 -11.97
CA HIS F 52 7.99 -29.20 -11.92
C HIS F 52 9.37 -29.55 -11.38
N ASN F 53 10.41 -28.92 -11.90
CA ASN F 53 11.76 -29.10 -11.39
C ASN F 53 12.11 -27.86 -10.58
N LYS F 54 11.90 -27.94 -9.26
CA LYS F 54 12.17 -26.80 -8.39
C LYS F 54 13.67 -26.53 -8.26
N TYR F 55 14.46 -27.59 -8.07
CA TYR F 55 15.91 -27.48 -7.99
C TYR F 55 16.48 -27.86 -9.35
N TYR F 56 17.09 -26.90 -10.03
CA TYR F 56 17.59 -27.13 -11.38
C TYR F 56 18.77 -26.20 -11.63
N ALA F 57 19.57 -26.57 -12.64
CA ALA F 57 20.80 -25.83 -12.92
C ALA F 57 20.53 -24.37 -13.26
N ARG F 58 19.47 -24.10 -14.01
CA ARG F 58 19.21 -22.71 -14.43
C ARG F 58 18.55 -21.89 -13.33
N HIS F 59 18.01 -22.53 -12.30
CA HIS F 59 17.38 -21.78 -11.20
C HIS F 59 18.40 -21.20 -10.23
N TYR F 60 19.61 -21.74 -10.18
CA TYR F 60 20.65 -21.23 -9.30
C TYR F 60 21.28 -19.99 -9.92
N LEU F 61 21.14 -18.85 -9.25
CA LEU F 61 21.86 -17.65 -9.68
C LEU F 61 23.30 -17.67 -9.21
N TYR F 62 23.55 -18.28 -8.06
CA TYR F 62 24.89 -18.57 -7.57
C TYR F 62 24.93 -20.04 -7.19
N THR F 63 25.98 -20.74 -7.60
CA THR F 63 26.18 -22.14 -7.28
C THR F 63 27.31 -22.31 -6.27
N ARG F 64 27.13 -23.27 -5.37
CA ARG F 64 28.02 -23.42 -4.22
C ARG F 64 29.41 -23.88 -4.66
N ASN F 65 30.43 -23.18 -4.16
CA ASN F 65 31.85 -23.49 -4.28
C ASN F 65 32.36 -23.39 -5.71
N LYS F 66 31.53 -23.00 -6.66
CA LYS F 66 31.87 -22.74 -8.04
C LYS F 66 32.09 -21.24 -8.26
N PRO F 67 32.88 -20.85 -9.27
CA PRO F 67 33.23 -19.43 -9.42
C PRO F 67 32.07 -18.60 -9.95
N ALA F 68 32.04 -17.33 -9.54
CA ALA F 68 31.16 -16.34 -10.12
C ALA F 68 31.85 -14.98 -10.07
N ASP F 69 31.82 -14.25 -11.18
CA ASP F 69 32.45 -12.94 -11.30
C ASP F 69 31.48 -11.77 -11.24
N TYR F 70 30.22 -11.99 -10.88
CA TYR F 70 29.20 -10.97 -11.08
C TYR F 70 28.43 -10.66 -9.81
N PHE F 71 27.79 -9.49 -9.83
CA PHE F 71 26.93 -8.96 -8.78
C PHE F 71 25.50 -8.87 -9.27
N ILE F 72 24.56 -9.38 -8.47
CA ILE F 72 23.15 -9.36 -8.82
C ILE F 72 22.38 -8.72 -7.68
N LEU F 73 21.48 -7.81 -8.02
CA LEU F 73 20.55 -7.18 -7.10
C LEU F 73 19.13 -7.55 -7.54
N ILE F 74 18.37 -8.15 -6.63
CA ILE F 74 17.06 -8.72 -6.97
C ILE F 74 16.00 -7.65 -6.88
N LEU F 75 15.38 -7.34 -8.02
CA LEU F 75 14.30 -6.37 -8.08
C LEU F 75 12.94 -6.95 -7.74
N GLN F 76 12.68 -8.18 -8.18
CA GLN F 76 11.37 -8.80 -8.00
C GLN F 76 11.55 -10.29 -7.75
N GLY F 77 10.55 -10.89 -7.11
CA GLY F 77 10.55 -12.32 -6.85
C GLY F 77 10.94 -12.66 -5.43
N LYS F 78 11.08 -13.97 -5.20
CA LYS F 78 11.55 -14.50 -3.92
C LYS F 78 12.66 -15.50 -4.19
N VAL F 79 13.66 -15.48 -3.28
CA VAL F 79 14.93 -16.18 -3.48
C VAL F 79 15.40 -16.78 -2.16
N GLU F 80 16.37 -17.71 -2.25
CA GLU F 80 16.90 -18.40 -1.09
C GLU F 80 18.42 -18.46 -1.12
N VAL F 81 19.03 -18.35 0.05
CA VAL F 81 20.48 -18.44 0.22
C VAL F 81 20.79 -19.69 1.02
N GLU F 82 21.65 -20.55 0.47
CA GLU F 82 22.05 -21.82 1.05
C GLU F 82 23.36 -21.76 1.82
N ALA F 83 23.84 -20.57 2.16
CA ALA F 83 25.21 -20.45 2.64
C ALA F 83 25.33 -20.93 4.09
N GLY F 84 26.56 -21.25 4.46
CA GLY F 84 26.94 -21.70 5.77
C GLY F 84 27.39 -23.16 5.76
N LYS F 85 28.11 -23.54 6.82
CA LYS F 85 28.68 -24.88 6.89
C LYS F 85 27.59 -25.93 7.11
N GLU F 86 26.56 -25.60 7.86
CA GLU F 86 25.44 -26.49 8.09
C GLU F 86 24.38 -26.38 7.00
N ASN F 87 24.61 -25.51 6.01
CA ASN F 87 23.68 -25.28 4.91
C ASN F 87 22.32 -24.81 5.41
N LYS F 89 19.34 -22.47 5.31
CA LYS F 89 18.74 -21.82 4.16
C LYS F 89 17.87 -20.66 4.64
N PHE F 90 18.05 -19.49 4.03
CA PHE F 90 17.28 -18.30 4.36
C PHE F 90 16.51 -17.82 3.14
N GLU F 91 15.35 -17.22 3.39
CA GLU F 91 14.50 -16.70 2.33
C GLU F 91 14.59 -15.18 2.33
N THR F 92 14.88 -14.61 1.16
CA THR F 92 15.00 -13.17 0.98
C THR F 92 14.18 -12.75 -0.23
N GLY F 93 14.03 -11.44 -0.36
CA GLY F 93 13.12 -10.84 -1.31
C GLY F 93 13.76 -9.66 -2.01
N ALA F 94 12.95 -8.83 -2.67
CA ALA F 94 13.47 -7.80 -3.55
C ALA F 94 14.50 -6.91 -2.86
N PHE F 95 15.49 -6.49 -3.63
CA PHE F 95 16.55 -5.56 -3.23
C PHE F 95 17.48 -6.14 -2.17
N SER F 96 17.70 -7.46 -2.22
CA SER F 96 18.74 -8.12 -1.46
C SER F 96 19.87 -8.45 -2.43
N TYR F 97 21.06 -7.93 -2.17
CA TYR F 97 22.17 -8.02 -3.12
C TYR F 97 23.17 -9.08 -2.68
N TYR F 98 23.67 -9.82 -3.66
CA TYR F 98 24.60 -10.93 -3.42
C TYR F 98 25.78 -10.81 -4.38
N GLY F 99 26.96 -11.23 -3.90
CA GLY F 99 28.16 -11.12 -4.71
C GLY F 99 28.73 -9.72 -4.74
N THR F 100 28.62 -8.98 -3.63
CA THR F 100 29.00 -7.58 -3.62
C THR F 100 30.51 -7.38 -3.77
N ALA F 102 32.46 -9.56 -5.29
CA ALA F 102 32.88 -10.22 -6.52
C ALA F 102 33.27 -9.23 -7.60
N LEU F 103 32.89 -7.95 -7.44
CA LEU F 103 33.21 -6.94 -8.44
C LEU F 103 34.69 -6.58 -8.42
N THR F 104 35.33 -6.60 -7.27
CA THR F 104 36.74 -6.23 -7.17
C THR F 104 37.60 -7.23 -7.92
N SER F 105 38.61 -6.71 -8.62
CA SER F 105 39.51 -7.52 -9.41
C SER F 105 40.39 -8.42 -8.53
N GLN F 152 40.48 -14.24 -8.67
CA GLN F 152 39.40 -15.20 -8.82
C GLN F 152 38.47 -15.18 -7.61
N TYR F 153 37.19 -15.44 -7.84
CA TYR F 153 36.18 -15.42 -6.78
C TYR F 153 35.31 -16.66 -6.89
N ILE F 154 35.35 -17.52 -5.88
CA ILE F 154 34.47 -18.66 -5.75
C ILE F 154 33.38 -18.29 -4.75
N SER F 155 32.13 -18.56 -5.11
CA SER F 155 30.99 -18.11 -4.32
C SER F 155 30.60 -19.21 -3.33
N ASP F 156 30.77 -18.92 -2.04
CA ASP F 156 30.40 -19.89 -1.01
C ASP F 156 28.89 -19.96 -0.83
N PHE F 157 28.18 -18.85 -1.05
CA PHE F 157 26.74 -18.84 -0.91
C PHE F 157 26.06 -19.32 -2.19
N SER F 158 24.93 -20.01 -2.01
CA SER F 158 24.13 -20.51 -3.13
C SER F 158 22.80 -19.77 -3.14
N VAL F 159 22.55 -19.03 -4.22
CA VAL F 159 21.33 -18.24 -4.35
C VAL F 159 20.42 -18.95 -5.35
N ARG F 160 19.28 -19.45 -4.86
CA ARG F 160 18.35 -20.19 -5.70
C ARG F 160 16.98 -19.55 -5.70
N ALA F 161 16.33 -19.55 -6.87
CA ALA F 161 15.05 -18.89 -7.06
C ALA F 161 13.89 -19.79 -6.66
N LEU F 162 13.13 -19.37 -5.65
CA LEU F 162 11.86 -20.02 -5.31
C LEU F 162 10.68 -19.51 -6.12
N VAL F 163 10.70 -18.24 -6.55
CA VAL F 163 9.56 -17.68 -7.24
C VAL F 163 10.05 -17.04 -8.54
N ASP F 164 9.11 -16.69 -9.41
CA ASP F 164 9.45 -15.93 -10.62
C ASP F 164 10.13 -14.66 -10.18
N LEU F 165 11.35 -14.43 -10.65
CA LEU F 165 12.15 -13.33 -10.15
C LEU F 165 12.70 -12.49 -11.30
N GLN F 166 13.05 -11.26 -10.95
CA GLN F 166 13.60 -10.28 -11.87
C GLN F 166 14.81 -9.65 -11.20
N TYR F 167 15.98 -9.82 -11.82
CA TYR F 167 17.22 -9.37 -11.19
C TYR F 167 18.08 -8.61 -12.20
N ILE F 168 19.03 -7.83 -11.70
CA ILE F 168 20.03 -7.15 -12.51
C ILE F 168 21.37 -7.83 -12.29
N LYS F 169 22.11 -8.04 -13.37
CA LYS F 169 23.41 -8.70 -13.31
C LYS F 169 24.47 -7.73 -13.79
N ILE F 170 25.44 -7.43 -12.93
CA ILE F 170 26.55 -6.57 -13.27
C ILE F 170 27.83 -7.38 -13.05
N THR F 171 28.52 -7.68 -14.15
CA THR F 171 29.72 -8.49 -14.09
C THR F 171 30.92 -7.67 -13.68
N ARG F 172 32.04 -8.35 -13.48
CA ARG F 172 33.27 -7.65 -13.14
C ARG F 172 33.76 -6.78 -14.29
N GLN F 173 33.67 -7.27 -15.52
CA GLN F 173 34.16 -6.48 -16.66
C GLN F 173 33.38 -5.19 -16.80
N GLN F 174 32.05 -5.27 -16.79
CA GLN F 174 31.24 -4.04 -16.84
C GLN F 174 31.55 -3.14 -15.66
N TYR F 175 31.79 -3.71 -14.47
CA TYR F 175 32.04 -2.88 -13.31
C TYR F 175 33.34 -2.10 -13.45
N GLN F 176 34.45 -2.77 -13.78
CA GLN F 176 35.73 -2.05 -13.91
C GLN F 176 35.73 -1.11 -15.12
N ASN F 177 35.11 -1.50 -16.22
CA ASN F 177 35.05 -0.59 -17.36
C ASN F 177 34.23 0.65 -17.03
N GLY F 178 33.10 0.48 -16.35
CA GLY F 178 32.31 1.60 -15.88
C GLY F 178 33.04 2.43 -14.83
N LEU F 179 33.84 1.77 -13.99
CA LEU F 179 34.68 2.46 -13.02
C LEU F 179 35.72 3.32 -13.71
N LEU F 180 36.37 2.77 -14.73
CA LEU F 180 37.38 3.51 -15.49
C LEU F 180 36.76 4.67 -16.24
N ALA F 181 35.58 4.45 -16.85
CA ALA F 181 34.91 5.52 -17.58
C ALA F 181 34.34 6.58 -16.65
N SER F 182 33.99 6.19 -15.41
CA SER F 182 33.54 7.18 -14.44
C SER F 182 34.67 8.10 -14.03
N ARG F 183 35.90 7.56 -13.97
CA ARG F 183 37.04 8.41 -13.66
C ARG F 183 37.24 9.46 -14.73
N GLU F 185 36.44 12.41 -16.75
CA GLU F 185 35.65 13.46 -16.14
C GLU F 185 34.43 13.87 -16.97
N GLY G 2 5.19 -5.74 8.38
CA GLY G 2 5.81 -6.97 7.90
C GLY G 2 6.43 -7.81 9.01
N LYS G 4 5.65 -11.94 9.03
CA LYS G 4 5.75 -13.29 8.46
C LYS G 4 5.76 -14.43 9.49
N ILE G 5 4.57 -14.75 10.01
CA ILE G 5 4.33 -16.02 10.68
C ILE G 5 4.75 -17.19 9.80
N SER G 6 5.41 -18.17 10.42
CA SER G 6 5.86 -19.40 9.77
C SER G 6 4.70 -20.37 9.52
N PRO G 7 4.82 -21.25 8.53
CA PRO G 7 3.72 -22.20 8.25
C PRO G 7 3.43 -23.18 9.38
N GLN G 8 4.46 -23.62 10.11
CA GLN G 8 4.24 -24.57 11.20
C GLN G 8 3.32 -23.97 12.27
N LEU G 9 3.46 -22.67 12.53
CA LEU G 9 2.60 -22.02 13.50
C LEU G 9 1.15 -22.05 13.03
N LEU G 10 0.93 -21.84 11.73
CA LEU G 10 -0.43 -21.86 11.19
C LEU G 10 -1.04 -23.26 11.27
N LEU G 11 -0.28 -24.28 10.86
CA LEU G 11 -0.80 -25.64 10.91
C LEU G 11 -1.08 -26.08 12.34
N ALA G 12 -0.13 -25.81 13.25
CA ALA G 12 -0.35 -26.08 14.66
C ALA G 12 -1.58 -25.34 15.17
N ALA G 13 -1.81 -24.12 14.69
CA ALA G 13 -2.99 -23.38 15.08
C ALA G 13 -4.25 -24.08 14.59
N HIS G 14 -4.18 -24.71 13.41
CA HIS G 14 -5.29 -25.51 12.93
C HIS G 14 -5.56 -26.69 13.85
N ARG G 15 -4.51 -27.43 14.22
CA ARG G 15 -4.69 -28.58 15.10
C ARG G 15 -5.28 -28.16 16.44
N PHE G 16 -4.79 -27.04 17.00
CA PHE G 16 -5.33 -26.57 18.27
C PHE G 16 -6.78 -26.13 18.14
N LEU G 17 -7.13 -25.45 17.04
CA LEU G 17 -8.51 -25.03 16.85
C LEU G 17 -9.44 -26.24 16.72
N ALA G 18 -9.01 -27.26 15.96
CA ALA G 18 -9.85 -28.43 15.78
C ALA G 18 -10.03 -29.21 17.07
N THR G 19 -8.93 -29.50 17.77
CA THR G 19 -9.00 -30.37 18.93
C THR G 19 -9.54 -29.65 20.17
N GLU G 20 -9.00 -28.47 20.46
CA GLU G 20 -9.21 -27.81 21.75
C GLU G 20 -10.29 -26.73 21.72
N VAL G 21 -11.12 -26.68 20.68
CA VAL G 21 -12.21 -25.70 20.61
C VAL G 21 -13.48 -26.42 20.15
N SER G 22 -14.59 -26.11 20.80
CA SER G 22 -15.87 -26.75 20.50
C SER G 22 -16.33 -26.41 19.09
N GLN G 23 -16.48 -25.12 18.78
CA GLN G 23 -17.09 -24.71 17.52
C GLN G 23 -16.27 -25.14 16.30
N PHE G 24 -14.96 -25.29 16.47
CA PHE G 24 -14.05 -25.59 15.36
C PHE G 24 -13.79 -27.08 15.17
N SER G 25 -14.52 -27.94 15.90
CA SER G 25 -14.30 -29.39 15.87
C SER G 25 -14.29 -29.92 14.44
N PRO G 26 -13.48 -30.92 14.13
CA PRO G 26 -13.38 -31.40 12.74
C PRO G 26 -14.68 -31.98 12.22
N SER G 27 -15.53 -32.56 13.08
CA SER G 27 -16.83 -33.03 12.65
C SER G 27 -17.72 -31.88 12.22
N LEU G 28 -17.63 -30.74 12.90
CA LEU G 28 -18.46 -29.60 12.57
C LEU G 28 -17.99 -28.92 11.28
N ILE G 29 -16.68 -28.70 11.15
CA ILE G 29 -16.08 -28.13 9.95
C ILE G 29 -14.91 -29.00 9.52
N SER G 30 -14.91 -29.43 8.27
CA SER G 30 -13.89 -30.35 7.78
C SER G 30 -12.51 -29.69 7.81
N GLU G 31 -11.48 -30.53 7.89
CA GLU G 31 -10.11 -30.06 8.06
C GLU G 31 -9.67 -29.19 6.88
N LYS G 32 -9.95 -29.63 5.66
CA LYS G 32 -9.55 -28.88 4.47
C LYS G 32 -10.18 -27.49 4.46
N ILE G 33 -11.44 -27.39 4.91
CA ILE G 33 -12.11 -26.09 4.93
C ILE G 33 -11.58 -25.22 6.07
N LEU G 34 -11.03 -25.83 7.11
CA LEU G 34 -10.29 -25.07 8.12
C LEU G 34 -9.04 -24.46 7.51
N LEU G 35 -8.26 -25.27 6.78
CA LEU G 35 -7.03 -24.75 6.17
C LEU G 35 -7.34 -23.66 5.16
N ARG G 36 -8.37 -23.85 4.33
CA ARG G 36 -8.73 -22.81 3.37
C ARG G 36 -9.26 -21.58 4.08
N LEU G 37 -9.96 -21.76 5.21
CA LEU G 37 -10.49 -20.63 5.95
C LEU G 37 -9.37 -19.78 6.55
N LEU G 38 -8.32 -20.42 7.07
CA LEU G 38 -7.18 -19.66 7.58
C LEU G 38 -6.42 -18.95 6.46
N LYS G 39 -6.30 -19.58 5.29
CA LYS G 39 -5.59 -18.98 4.17
C LYS G 39 -6.36 -17.85 3.48
N TYR G 40 -7.63 -17.67 3.81
CA TYR G 40 -8.42 -16.63 3.15
C TYR G 40 -7.82 -15.26 3.49
N PRO G 41 -7.88 -14.30 2.57
CA PRO G 41 -7.28 -12.98 2.84
C PRO G 41 -7.99 -12.23 3.96
N ASP G 42 -7.19 -11.48 4.72
CA ASP G 42 -7.58 -10.68 5.88
C ASP G 42 -7.94 -11.55 7.08
N VAL G 43 -7.91 -12.88 6.94
CA VAL G 43 -8.10 -13.75 8.09
C VAL G 43 -6.93 -13.63 9.05
N ILE G 44 -5.72 -13.50 8.51
CA ILE G 44 -4.51 -13.32 9.31
C ILE G 44 -4.18 -11.84 9.33
N GLN G 45 -4.09 -11.26 10.52
CA GLN G 45 -3.81 -9.84 10.70
C GLN G 45 -2.64 -9.66 11.65
N GLU G 46 -1.78 -8.70 11.32
CA GLU G 46 -0.63 -8.36 12.14
C GLU G 46 -0.83 -6.96 12.70
N LEU G 47 -0.59 -6.80 14.01
CA LEU G 47 -0.75 -5.53 14.69
C LEU G 47 0.57 -5.12 15.33
N LYS G 48 1.00 -3.89 15.03
CA LYS G 48 2.23 -3.32 15.58
C LYS G 48 1.89 -2.40 16.74
N PHE G 49 2.54 -2.62 17.87
CA PHE G 49 2.26 -1.85 19.08
C PHE G 49 2.97 -0.49 19.03
N ASP G 50 2.22 0.56 19.34
CA ASP G 50 2.77 1.90 19.48
C ASP G 50 2.96 2.18 20.98
N GLU G 51 4.22 2.44 21.37
CA GLU G 51 4.51 2.59 22.80
C GLU G 51 3.97 3.90 23.36
N HIS G 52 3.87 4.93 22.52
CA HIS G 52 3.38 6.23 22.98
C HIS G 52 1.89 6.19 23.28
N ASN G 53 1.14 5.46 22.46
CA ASN G 53 -0.32 5.36 22.48
C ASN G 53 -0.84 4.17 23.28
N LYS G 54 -0.08 3.69 24.27
CA LYS G 54 -0.39 2.47 25.03
C LYS G 54 -1.88 2.26 25.24
N TYR G 55 -2.62 3.30 25.59
CA TYR G 55 -4.08 3.21 25.68
C TYR G 55 -4.66 3.87 24.43
N TYR G 56 -5.22 3.07 23.52
CA TYR G 56 -5.76 3.63 22.30
C TYR G 56 -6.84 2.71 21.73
N ALA G 57 -7.72 3.30 20.93
CA ALA G 57 -8.82 2.53 20.34
C ALA G 57 -8.29 1.45 19.39
N ARG G 58 -7.23 1.76 18.65
CA ARG G 58 -6.67 0.79 17.72
C ARG G 58 -6.06 -0.40 18.45
N HIS G 59 -5.47 -0.16 19.61
CA HIS G 59 -4.85 -1.25 20.36
C HIS G 59 -5.86 -2.21 20.95
N TYR G 60 -7.12 -1.78 21.13
CA TYR G 60 -8.15 -2.67 21.66
C TYR G 60 -8.65 -3.57 20.54
N LEU G 61 -8.43 -4.87 20.69
CA LEU G 61 -9.03 -5.82 19.76
C LEU G 61 -10.48 -6.09 20.11
N TYR G 62 -10.82 -5.99 21.39
CA TYR G 62 -12.21 -6.00 21.85
C TYR G 62 -12.39 -4.80 22.77
N THR G 63 -13.46 -4.06 22.57
CA THR G 63 -13.76 -2.88 23.38
C THR G 63 -14.95 -3.14 24.29
N ARG G 64 -14.91 -2.54 25.48
CA ARG G 64 -15.88 -2.83 26.53
C ARG G 64 -17.28 -2.39 26.13
N ASN G 65 -18.24 -3.32 26.23
CA ASN G 65 -19.67 -3.09 26.08
C ASN G 65 -20.06 -2.67 24.68
N LYS G 66 -19.13 -2.60 23.74
CA LYS G 66 -19.41 -2.31 22.35
C LYS G 66 -19.50 -3.60 21.54
N PRO G 67 -20.22 -3.61 20.43
CA PRO G 67 -20.44 -4.87 19.71
C PRO G 67 -19.20 -5.32 18.97
N ALA G 68 -19.06 -6.64 18.85
CA ALA G 68 -18.06 -7.25 17.99
C ALA G 68 -18.62 -8.56 17.45
N ASP G 69 -18.46 -8.76 16.14
CA ASP G 69 -18.96 -9.94 15.46
C ASP G 69 -17.87 -10.95 15.12
N TYR G 70 -16.66 -10.80 15.65
CA TYR G 70 -15.54 -11.61 15.20
C TYR G 70 -14.84 -12.30 16.36
N PHE G 71 -14.15 -13.39 16.00
CA PHE G 71 -13.37 -14.23 16.90
C PHE G 71 -11.90 -14.14 16.56
N ILE G 72 -11.05 -14.01 17.58
CA ILE G 72 -9.60 -13.88 17.38
C ILE G 72 -8.87 -14.97 18.16
N LEU G 73 -7.89 -15.58 17.51
CA LEU G 73 -6.94 -16.50 18.13
C LEU G 73 -5.55 -15.89 17.97
N ILE G 74 -4.86 -15.68 19.08
CA ILE G 74 -3.60 -14.93 19.08
C ILE G 74 -2.45 -15.87 18.74
N LEU G 75 -1.78 -15.59 17.62
CA LEU G 75 -0.63 -16.39 17.20
C LEU G 75 0.65 -15.97 17.91
N GLN G 76 0.87 -14.66 18.04
CA GLN G 76 2.08 -14.14 18.63
C GLN G 76 1.74 -12.86 19.38
N GLY G 77 2.59 -12.51 20.34
CA GLY G 77 2.40 -11.30 21.11
C GLY G 77 1.86 -11.56 22.50
N LYS G 78 1.55 -10.45 23.17
CA LYS G 78 0.96 -10.45 24.50
C LYS G 78 -0.26 -9.54 24.53
N VAL G 79 -1.24 -9.91 25.36
CA VAL G 79 -2.52 -9.22 25.40
C VAL G 79 -2.91 -9.10 26.87
N GLU G 80 -3.82 -8.17 27.16
CA GLU G 80 -4.32 -7.98 28.51
C GLU G 80 -5.84 -7.86 28.45
N VAL G 81 -6.54 -8.59 29.33
CA VAL G 81 -7.99 -8.61 29.38
C VAL G 81 -8.45 -8.11 30.74
N GLU G 82 -9.25 -7.05 30.73
CA GLU G 82 -9.87 -6.51 31.95
C GLU G 82 -11.35 -6.90 31.94
N ALA G 83 -11.77 -7.72 32.90
CA ALA G 83 -13.10 -8.28 32.86
C ALA G 83 -13.64 -8.48 34.27
N GLY G 84 -14.97 -8.55 34.38
CA GLY G 84 -15.64 -8.80 35.63
C GLY G 84 -16.14 -7.52 36.28
N LYS G 85 -16.86 -7.72 37.39
CA LYS G 85 -17.34 -6.57 38.16
C LYS G 85 -16.20 -5.88 38.91
N GLU G 86 -15.22 -6.63 39.36
CA GLU G 86 -14.08 -6.06 40.07
C GLU G 86 -12.99 -5.58 39.13
N ASN G 87 -13.15 -5.79 37.82
CA ASN G 87 -12.19 -5.36 36.82
C ASN G 87 -10.80 -5.93 37.12
N LYS G 89 -7.46 -7.45 35.88
CA LYS G 89 -6.66 -7.44 34.67
C LYS G 89 -5.81 -8.71 34.63
N PHE G 90 -5.91 -9.44 33.53
CA PHE G 90 -5.12 -10.64 33.32
C PHE G 90 -4.29 -10.46 32.06
N GLU G 91 -3.10 -11.06 32.05
CA GLU G 91 -2.23 -11.01 30.89
C GLU G 91 -2.21 -12.39 30.26
N THR G 92 -2.44 -12.46 28.95
CA THR G 92 -2.41 -13.74 28.28
C THR G 92 -1.52 -13.69 27.05
N GLY G 93 -1.13 -14.87 26.58
CA GLY G 93 -0.16 -15.03 25.53
C GLY G 93 -0.71 -15.79 24.33
N ALA G 94 0.22 -16.36 23.56
CA ALA G 94 -0.12 -17.06 22.34
C ALA G 94 -1.12 -18.17 22.61
N PHE G 95 -1.97 -18.42 21.60
CA PHE G 95 -2.94 -19.51 21.59
C PHE G 95 -4.06 -19.30 22.61
N SER G 96 -4.40 -18.05 22.88
CA SER G 96 -5.58 -17.71 23.68
C SER G 96 -6.66 -17.16 22.77
N TYR G 97 -7.82 -17.80 22.79
CA TYR G 97 -8.90 -17.47 21.87
C TYR G 97 -9.97 -16.65 22.58
N TYR G 98 -10.48 -15.64 21.89
CA TYR G 98 -11.48 -14.72 22.43
C TYR G 98 -12.60 -14.54 21.42
N GLY G 99 -13.83 -14.39 21.94
CA GLY G 99 -14.97 -14.25 21.06
C GLY G 99 -15.47 -15.57 20.50
N THR G 100 -15.38 -16.65 21.28
CA THR G 100 -15.70 -17.97 20.75
C THR G 100 -17.20 -18.14 20.48
N ALA G 102 -19.17 -15.52 19.77
CA ALA G 102 -19.55 -14.48 18.82
C ALA G 102 -19.84 -15.05 17.43
N LEU G 103 -19.41 -16.28 17.18
CA LEU G 103 -19.60 -16.91 15.88
C LEU G 103 -21.05 -17.28 15.63
N THR G 104 -21.81 -17.62 16.68
CA THR G 104 -23.18 -18.07 16.50
C THR G 104 -24.05 -16.98 15.89
N SER G 105 -24.91 -17.38 14.97
CA SER G 105 -25.77 -16.46 14.23
C SER G 105 -26.82 -15.81 15.13
N TYR G 153 -25.14 -8.58 20.17
CA TYR G 153 -23.91 -8.99 20.82
C TYR G 153 -23.11 -7.83 21.39
N ILE G 154 -23.20 -7.65 22.71
CA ILE G 154 -22.39 -6.70 23.44
C ILE G 154 -21.26 -7.48 24.11
N SER G 155 -20.03 -6.99 23.98
CA SER G 155 -18.84 -7.71 24.41
C SER G 155 -18.49 -7.31 25.84
N ASP G 156 -18.61 -8.27 26.77
CA ASP G 156 -18.29 -8.01 28.17
C ASP G 156 -16.78 -7.95 28.41
N PHE G 157 -15.98 -8.69 27.65
CA PHE G 157 -14.54 -8.72 27.84
C PHE G 157 -13.86 -7.61 27.05
N SER G 158 -12.77 -7.07 27.64
CA SER G 158 -11.96 -6.03 27.01
C SER G 158 -10.57 -6.59 26.71
N VAL G 159 -10.22 -6.67 25.43
CA VAL G 159 -8.96 -7.25 24.96
C VAL G 159 -8.05 -6.14 24.45
N ARG G 160 -6.90 -5.93 25.11
CA ARG G 160 -5.95 -4.89 24.73
C ARG G 160 -4.56 -5.46 24.45
N ALA G 161 -3.89 -4.88 23.45
CA ALA G 161 -2.58 -5.35 22.99
C ALA G 161 -1.46 -4.80 23.87
N LEU G 162 -0.70 -5.71 24.51
CA LEU G 162 0.46 -5.28 25.28
C LEU G 162 1.71 -5.09 24.44
N VAL G 163 1.94 -5.95 23.43
CA VAL G 163 3.14 -5.92 22.61
C VAL G 163 2.73 -6.10 21.15
N ASP G 164 3.70 -6.05 20.24
CA ASP G 164 3.43 -6.35 18.84
C ASP G 164 2.87 -7.77 18.76
N LEU G 165 1.68 -7.91 18.19
CA LEU G 165 1.03 -9.22 18.16
C LEU G 165 0.57 -9.56 16.75
N GLN G 166 0.35 -10.85 16.55
CA GLN G 166 -0.13 -11.39 15.28
C GLN G 166 -1.27 -12.33 15.61
N TYR G 167 -2.46 -12.03 15.07
CA TYR G 167 -3.65 -12.77 15.41
C TYR G 167 -4.40 -13.13 14.13
N ILE G 168 -5.31 -14.08 14.25
CA ILE G 168 -6.21 -14.43 13.16
C ILE G 168 -7.59 -13.92 13.54
N LYS G 169 -8.27 -13.32 12.58
CA LYS G 169 -9.59 -12.75 12.82
C LYS G 169 -10.58 -13.48 11.93
N ILE G 170 -11.55 -14.13 12.57
CA ILE G 170 -12.60 -14.86 11.88
C ILE G 170 -13.92 -14.26 12.33
N THR G 171 -14.64 -13.63 11.41
CA THR G 171 -15.89 -13.00 11.77
C THR G 171 -17.02 -14.04 11.79
N ARG G 172 -18.19 -13.61 12.23
CA ARG G 172 -19.34 -14.51 12.24
C ARG G 172 -19.73 -14.90 10.81
N GLN G 173 -19.61 -13.96 9.87
CA GLN G 173 -19.94 -14.24 8.48
C GLN G 173 -19.00 -15.30 7.90
N GLN G 174 -17.69 -15.11 8.11
CA GLN G 174 -16.72 -16.10 7.64
C GLN G 174 -17.00 -17.47 8.26
N TYR G 175 -17.38 -17.48 9.53
CA TYR G 175 -17.66 -18.74 10.21
C TYR G 175 -18.86 -19.44 9.58
N GLN G 176 -19.96 -18.71 9.38
CA GLN G 176 -21.17 -19.35 8.86
C GLN G 176 -21.02 -19.78 7.40
N ASN G 177 -20.48 -18.91 6.54
CA ASN G 177 -20.34 -19.29 5.14
C ASN G 177 -19.31 -20.40 4.98
N GLY G 178 -18.20 -20.34 5.71
CA GLY G 178 -17.25 -21.45 5.70
C GLY G 178 -17.86 -22.72 6.24
N LEU G 179 -18.73 -22.60 7.24
CA LEU G 179 -19.44 -23.74 7.81
C LEU G 179 -20.33 -24.43 6.76
N LEU G 180 -20.99 -23.63 5.92
CA LEU G 180 -21.89 -24.21 4.92
C LEU G 180 -21.15 -25.15 3.97
N ALA G 181 -19.91 -24.81 3.59
CA ALA G 181 -19.19 -25.67 2.65
C ALA G 181 -18.85 -27.02 3.26
N SER G 182 -18.67 -27.08 4.59
CA SER G 182 -18.45 -28.37 5.23
C SER G 182 -19.74 -29.19 5.24
N ARG G 183 -20.88 -28.51 5.37
CA ARG G 183 -22.17 -29.18 5.35
C ARG G 183 -22.45 -29.84 4.01
N GLU G 185 -20.19 -31.50 2.13
CA GLU G 185 -19.05 -32.33 1.76
C GLU G 185 -19.06 -33.67 2.49
N ASN G 186 -18.24 -34.58 1.97
CA ASN G 186 -17.92 -35.91 2.52
C ASN G 186 -19.22 -36.71 2.70
N SER G 187 -19.34 -37.45 3.80
CA SER G 187 -20.43 -38.42 3.96
C SER G 187 -20.43 -38.98 5.39
N LYS H 4 15.59 42.82 29.44
CA LYS H 4 15.99 41.67 28.63
C LYS H 4 16.41 40.54 29.55
N ILE H 5 15.91 39.34 29.28
CA ILE H 5 16.24 38.17 30.07
C ILE H 5 17.60 37.66 29.62
N SER H 6 18.46 37.33 30.60
CA SER H 6 19.79 36.85 30.27
C SER H 6 19.74 35.41 29.79
N PRO H 7 20.72 34.99 28.98
CA PRO H 7 20.71 33.60 28.49
C PRO H 7 20.84 32.58 29.61
N GLN H 8 21.64 32.89 30.63
CA GLN H 8 21.78 31.98 31.77
C GLN H 8 20.45 31.77 32.49
N LEU H 9 19.65 32.83 32.61
CA LEU H 9 18.34 32.70 33.23
C LEU H 9 17.43 31.80 32.42
N LEU H 10 17.45 31.93 31.08
CA LEU H 10 16.61 31.10 30.23
C LEU H 10 17.04 29.64 30.28
N LEU H 11 18.34 29.39 30.18
CA LEU H 11 18.84 28.02 30.23
C LEU H 11 18.56 27.41 31.61
N ALA H 12 18.81 28.16 32.67
CA ALA H 12 18.46 27.72 34.02
C ALA H 12 16.98 27.39 34.12
N ALA H 13 16.13 28.17 33.44
CA ALA H 13 14.70 27.87 33.42
C ALA H 13 14.43 26.56 32.69
N HIS H 14 15.22 26.28 31.66
CA HIS H 14 15.11 25.01 30.94
C HIS H 14 15.45 23.84 31.85
N ARG H 15 16.55 23.96 32.61
CA ARG H 15 16.92 22.89 33.53
C ARG H 15 15.89 22.75 34.66
N PHE H 16 15.37 23.89 35.15
CA PHE H 16 14.28 23.85 36.11
C PHE H 16 13.09 23.08 35.54
N LEU H 17 12.79 23.31 34.26
CA LEU H 17 11.71 22.57 33.61
C LEU H 17 12.03 21.08 33.57
N ALA H 18 13.30 20.74 33.37
CA ALA H 18 13.67 19.33 33.36
C ALA H 18 13.42 18.69 34.73
N THR H 19 13.88 19.34 35.80
CA THR H 19 13.82 18.72 37.12
C THR H 19 12.44 18.80 37.77
N GLU H 20 11.83 19.98 37.80
CA GLU H 20 10.71 20.25 38.71
C GLU H 20 9.30 20.17 38.11
N VAL H 21 9.13 19.72 36.87
CA VAL H 21 7.76 19.59 36.33
C VAL H 21 7.62 18.29 35.54
N SER H 22 6.50 17.61 35.78
CA SER H 22 6.19 16.34 35.11
C SER H 22 6.01 16.52 33.60
N GLN H 23 5.11 17.43 33.20
CA GLN H 23 4.72 17.52 31.80
C GLN H 23 5.90 17.88 30.89
N PHE H 24 6.89 18.59 31.42
CA PHE H 24 8.03 19.05 30.64
C PHE H 24 9.23 18.10 30.75
N SER H 25 9.05 16.93 31.36
CA SER H 25 10.13 15.98 31.61
C SER H 25 10.93 15.70 30.34
N PRO H 26 12.25 15.51 30.45
CA PRO H 26 13.06 15.34 29.24
C PRO H 26 12.73 14.10 28.45
N SER H 27 12.28 13.02 29.11
CA SER H 27 11.85 11.83 28.38
C SER H 27 10.57 12.10 27.60
N LEU H 28 9.66 12.90 28.15
CA LEU H 28 8.39 13.16 27.49
C LEU H 28 8.57 14.12 26.30
N ILE H 29 9.32 15.19 26.49
CA ILE H 29 9.62 16.15 25.43
C ILE H 29 11.13 16.40 25.44
N SER H 30 11.77 16.20 24.29
CA SER H 30 13.23 16.24 24.20
C SER H 30 13.78 17.62 24.51
N GLU H 31 15.05 17.62 24.95
CA GLU H 31 15.72 18.84 25.39
C GLU H 31 15.87 19.86 24.26
N LYS H 32 16.25 19.41 23.07
CA LYS H 32 16.43 20.33 21.96
C LYS H 32 15.14 21.07 21.64
N ILE H 33 14.00 20.39 21.75
CA ILE H 33 12.72 21.05 21.50
C ILE H 33 12.34 21.96 22.66
N LEU H 34 12.89 21.72 23.86
CA LEU H 34 12.78 22.71 24.92
C LEU H 34 13.54 23.98 24.56
N LEU H 35 14.78 23.82 24.09
CA LEU H 35 15.58 24.99 23.74
C LEU H 35 14.94 25.79 22.61
N ARG H 36 14.44 25.10 21.58
CA ARG H 36 13.79 25.80 20.47
C ARG H 36 12.44 26.38 20.90
N LEU H 37 11.72 25.66 21.76
CA LEU H 37 10.39 26.11 22.17
C LEU H 37 10.47 27.36 23.04
N LEU H 38 11.45 27.42 23.96
CA LEU H 38 11.62 28.64 24.75
C LEU H 38 12.09 29.80 23.87
N LYS H 39 12.95 29.52 22.89
CA LYS H 39 13.42 30.56 21.98
C LYS H 39 12.37 31.01 20.98
N TYR H 40 11.23 30.34 20.92
CA TYR H 40 10.17 30.72 19.99
C TYR H 40 9.68 32.13 20.30
N PRO H 41 9.28 32.89 19.28
CA PRO H 41 8.83 34.26 19.53
C PRO H 41 7.54 34.27 20.33
N ASP H 42 7.39 35.27 21.20
CA ASP H 42 6.28 35.48 22.11
C ASP H 42 6.24 34.47 23.25
N VAL H 43 7.18 33.53 23.28
CA VAL H 43 7.28 32.62 24.42
C VAL H 43 7.69 33.38 25.68
N ILE H 44 8.55 34.39 25.54
CA ILE H 44 8.96 35.23 26.65
C ILE H 44 8.12 36.50 26.60
N GLN H 45 7.45 36.81 27.72
CA GLN H 45 6.58 37.97 27.82
C GLN H 45 6.99 38.80 29.02
N GLU H 46 7.02 40.12 28.81
CA GLU H 46 7.32 41.10 29.85
C GLU H 46 6.09 41.94 30.10
N LEU H 47 5.75 42.16 31.37
CA LEU H 47 4.59 42.94 31.77
C LEU H 47 5.06 44.11 32.62
N LYS H 48 4.57 45.30 32.30
CA LYS H 48 4.91 46.51 33.02
C LYS H 48 3.83 46.81 34.05
N PHE H 49 4.25 46.99 35.30
CA PHE H 49 3.31 47.24 36.39
C PHE H 49 2.88 48.69 36.41
N ASP H 50 1.57 48.91 36.52
CA ASP H 50 1.02 50.24 36.70
C ASP H 50 0.73 50.45 38.18
N GLU H 51 1.41 51.41 38.79
CA GLU H 51 1.25 51.61 40.23
C GLU H 51 -0.09 52.27 40.54
N HIS H 52 -0.62 53.05 39.60
CA HIS H 52 -1.87 53.77 39.85
C HIS H 52 -3.04 52.81 39.93
N ASN H 53 -3.17 51.90 38.96
CA ASN H 53 -4.23 50.90 38.97
C ASN H 53 -3.61 49.56 39.37
N LYS H 54 -3.71 49.21 40.65
CA LYS H 54 -3.13 47.96 41.12
C LYS H 54 -3.91 46.76 40.61
N TYR H 55 -5.24 46.83 40.65
CA TYR H 55 -6.11 45.77 40.16
C TYR H 55 -6.62 46.15 38.77
N TYR H 56 -6.21 45.39 37.76
CA TYR H 56 -6.59 45.69 36.39
C TYR H 56 -6.61 44.40 35.58
N ALA H 57 -7.36 44.43 34.48
CA ALA H 57 -7.54 43.24 33.66
C ALA H 57 -6.21 42.74 33.09
N ARG H 58 -5.34 43.66 32.68
CA ARG H 58 -4.06 43.24 32.12
C ARG H 58 -3.17 42.60 33.18
N HIS H 59 -3.22 43.12 34.41
CA HIS H 59 -2.35 42.62 35.46
C HIS H 59 -2.64 41.18 35.83
N TYR H 60 -3.85 40.69 35.57
CA TYR H 60 -4.17 39.30 35.87
C TYR H 60 -3.63 38.40 34.76
N LEU H 61 -2.69 37.52 35.12
CA LEU H 61 -2.24 36.50 34.18
C LEU H 61 -3.22 35.33 34.14
N TYR H 62 -3.86 35.04 35.26
CA TYR H 62 -5.00 34.13 35.35
C TYR H 62 -6.13 34.84 36.08
N THR H 63 -7.34 34.73 35.53
CA THR H 63 -8.53 35.26 36.17
C THR H 63 -9.37 34.11 36.68
N ARG H 64 -9.99 34.30 37.83
CA ARG H 64 -10.68 33.21 38.51
C ARG H 64 -11.89 32.78 37.69
N ASN H 65 -12.01 31.48 37.46
CA ASN H 65 -13.14 30.79 36.82
C ASN H 65 -13.32 31.14 35.34
N LYS H 66 -12.44 31.93 34.75
CA LYS H 66 -12.48 32.18 33.31
C LYS H 66 -11.50 31.25 32.60
N PRO H 67 -11.72 30.96 31.32
CA PRO H 67 -10.90 29.95 30.65
C PRO H 67 -9.49 30.44 30.36
N ALA H 68 -8.54 29.50 30.38
CA ALA H 68 -7.18 29.74 29.93
C ALA H 68 -6.63 28.44 29.37
N ASP H 69 -6.00 28.52 28.20
CA ASP H 69 -5.40 27.37 27.54
C ASP H 69 -3.89 27.32 27.67
N TYR H 70 -3.31 28.13 28.54
CA TYR H 70 -1.86 28.32 28.57
C TYR H 70 -1.28 28.10 29.96
N PHE H 71 0.01 27.79 29.97
CA PHE H 71 0.82 27.58 31.17
C PHE H 71 1.90 28.65 31.23
N ILE H 72 2.11 29.23 32.41
CA ILE H 72 3.10 30.28 32.59
C ILE H 72 4.08 29.86 33.68
N LEU H 73 5.36 30.07 33.41
CA LEU H 73 6.42 29.93 34.40
C LEU H 73 7.02 31.31 34.61
N ILE H 74 6.96 31.80 35.84
CA ILE H 74 7.34 33.17 36.13
C ILE H 74 8.85 33.23 36.35
N LEU H 75 9.54 33.98 35.50
CA LEU H 75 10.99 34.11 35.67
C LEU H 75 11.33 35.14 36.74
N GLN H 76 10.65 36.29 36.76
CA GLN H 76 10.94 37.30 37.76
C GLN H 76 9.69 38.10 38.06
N GLY H 77 9.69 38.73 39.22
CA GLY H 77 8.58 39.55 39.69
C GLY H 77 7.79 38.87 40.79
N LYS H 78 6.69 39.52 41.18
CA LYS H 78 5.81 39.01 42.21
C LYS H 78 4.36 39.04 41.79
N VAL H 79 3.62 38.05 42.28
CA VAL H 79 2.21 37.85 41.97
C VAL H 79 1.52 37.42 43.26
N GLU H 80 0.20 37.48 43.24
CA GLU H 80 -0.60 37.03 44.35
C GLU H 80 -1.62 36.09 43.73
N VAL H 81 -1.79 34.93 44.35
CA VAL H 81 -2.65 33.89 43.82
C VAL H 81 -3.83 33.74 44.77
N GLU H 82 -5.02 33.99 44.25
CA GLU H 82 -6.26 33.86 45.01
C GLU H 82 -6.91 32.54 44.63
N ALA H 83 -6.90 31.59 45.55
CA ALA H 83 -7.37 30.25 45.27
C ALA H 83 -8.06 29.74 46.53
N GLY H 84 -8.98 28.82 46.34
CA GLY H 84 -9.67 28.24 47.47
C GLY H 84 -11.05 28.84 47.66
N LYS H 85 -11.90 28.09 48.36
CA LYS H 85 -13.25 28.56 48.66
C LYS H 85 -13.23 29.80 49.54
N GLU H 86 -12.23 29.94 50.40
CA GLU H 86 -12.15 31.06 51.32
C GLU H 86 -11.54 32.32 50.70
N ASN H 87 -11.11 32.27 49.44
CA ASN H 87 -10.53 33.42 48.75
C ASN H 87 -9.30 33.95 49.47
N LYS H 89 -5.29 34.70 49.68
CA LYS H 89 -4.36 35.19 48.67
C LYS H 89 -2.94 35.07 49.18
N PHE H 90 -2.06 34.50 48.36
CA PHE H 90 -0.66 34.29 48.72
C PHE H 90 0.24 35.04 47.76
N GLU H 91 1.42 35.44 48.23
CA GLU H 91 2.37 36.15 47.38
C GLU H 91 3.48 35.21 46.98
N THR H 92 3.75 35.13 45.68
CA THR H 92 4.81 34.27 45.20
C THR H 92 5.70 35.01 44.22
N GLY H 93 6.90 34.45 44.04
CA GLY H 93 7.98 35.05 43.28
C GLY H 93 8.44 34.20 42.11
N ALA H 94 9.68 34.45 41.70
CA ALA H 94 10.27 33.81 40.53
C ALA H 94 10.21 32.28 40.63
N PHE H 95 10.07 31.65 39.47
CA PHE H 95 10.11 30.20 39.30
C PHE H 95 8.92 29.49 39.98
N SER H 96 7.78 30.16 40.02
CA SER H 96 6.52 29.56 40.42
C SER H 96 5.68 29.34 39.16
N TYR H 97 5.31 28.08 38.90
CA TYR H 97 4.65 27.71 37.67
C TYR H 97 3.16 27.51 37.91
N TYR H 98 2.34 28.02 36.98
CA TYR H 98 0.89 27.98 37.09
C TYR H 98 0.27 27.54 35.77
N GLY H 99 -0.84 26.80 35.87
CA GLY H 99 -1.50 26.29 34.69
C GLY H 99 -0.85 25.06 34.08
N THR H 100 -0.25 24.20 34.90
CA THR H 100 0.49 23.07 34.36
C THR H 100 -0.41 22.04 33.69
N ALA H 102 -3.30 22.79 32.15
CA ALA H 102 -4.01 23.41 31.03
C ALA H 102 -3.41 23.05 29.67
N LEU H 103 -2.18 22.53 29.65
CA LEU H 103 -1.54 22.16 28.39
C LEU H 103 -2.16 20.91 27.79
N THR H 104 -2.63 19.98 28.61
CA THR H 104 -3.18 18.74 28.09
C THR H 104 -4.45 19.01 27.27
N SER H 105 -4.54 18.35 26.13
CA SER H 105 -5.61 18.62 25.17
C SER H 105 -6.97 18.22 25.72
N VAL H 106 -8.00 18.87 25.20
CA VAL H 106 -9.38 18.61 25.62
C VAL H 106 -10.35 19.05 24.54
N GLN H 152 -11.77 24.47 27.31
CA GLN H 152 -12.18 23.37 28.17
C GLN H 152 -11.36 23.33 29.46
N TYR H 153 -10.74 24.46 29.80
CA TYR H 153 -9.95 24.59 31.02
C TYR H 153 -10.34 25.87 31.73
N ILE H 154 -10.96 25.74 32.90
CA ILE H 154 -11.28 26.87 33.76
C ILE H 154 -10.28 26.93 34.89
N SER H 155 -9.71 28.11 35.12
CA SER H 155 -8.64 28.32 36.09
C SER H 155 -9.25 28.77 37.41
N ASP H 156 -9.09 27.95 38.45
CA ASP H 156 -9.60 28.30 39.77
C ASP H 156 -8.77 29.39 40.44
N PHE H 157 -7.47 29.42 40.18
CA PHE H 157 -6.57 30.40 40.79
C PHE H 157 -6.55 31.69 39.99
N SER H 158 -6.39 32.80 40.70
CA SER H 158 -6.29 34.13 40.10
C SER H 158 -4.90 34.69 40.36
N VAL H 159 -4.13 34.89 39.30
CA VAL H 159 -2.75 35.38 39.39
C VAL H 159 -2.71 36.82 38.94
N ARG H 160 -2.36 37.72 39.86
CA ARG H 160 -2.30 39.16 39.58
C ARG H 160 -0.90 39.67 39.88
N ALA H 161 -0.43 40.60 39.05
CA ALA H 161 0.92 41.12 39.14
C ALA H 161 1.02 42.18 40.24
N LEU H 162 1.86 41.93 41.25
CA LEU H 162 2.11 42.95 42.27
C LEU H 162 3.15 43.95 41.79
N VAL H 163 4.11 43.53 40.97
CA VAL H 163 5.14 44.38 40.43
C VAL H 163 5.34 44.05 38.96
N ASP H 164 6.21 44.80 38.29
CA ASP H 164 6.57 44.46 36.92
C ASP H 164 7.23 43.08 36.90
N LEU H 165 6.68 42.18 36.10
CA LEU H 165 7.11 40.80 36.10
C LEU H 165 7.48 40.36 34.69
N GLN H 166 8.25 39.28 34.62
CA GLN H 166 8.67 38.68 33.37
C GLN H 166 8.41 37.19 33.46
N TYR H 167 7.55 36.70 32.58
CA TYR H 167 7.08 35.32 32.61
C TYR H 167 7.17 34.73 31.21
N ILE H 168 7.11 33.41 31.14
CA ILE H 168 7.05 32.69 29.87
C ILE H 168 5.67 32.08 29.72
N LYS H 169 5.08 32.19 28.53
CA LYS H 169 3.74 31.69 28.26
C LYS H 169 3.83 30.62 27.18
N ILE H 170 3.38 29.42 27.51
CA ILE H 170 3.34 28.29 26.58
C ILE H 170 1.90 27.81 26.50
N THR H 171 1.31 27.92 25.32
CA THR H 171 -0.09 27.52 25.16
C THR H 171 -0.17 26.00 25.00
N ARG H 172 -1.41 25.50 24.98
CA ARG H 172 -1.62 24.06 24.80
C ARG H 172 -1.14 23.61 23.43
N GLN H 173 -1.35 24.44 22.40
CA GLN H 173 -0.93 24.09 21.05
C GLN H 173 0.59 23.92 20.97
N GLN H 174 1.34 24.89 21.51
CA GLN H 174 2.80 24.80 21.50
C GLN H 174 3.28 23.55 22.22
N TYR H 175 2.66 23.22 23.36
CA TYR H 175 3.08 22.05 24.13
C TYR H 175 2.81 20.78 23.33
N GLN H 176 1.62 20.66 22.74
CA GLN H 176 1.28 19.48 21.98
C GLN H 176 2.19 19.32 20.76
N ASN H 177 2.53 20.44 20.10
CA ASN H 177 3.44 20.36 18.96
C ASN H 177 4.82 19.90 19.39
N GLY H 178 5.32 20.40 20.53
CA GLY H 178 6.60 19.93 21.02
C GLY H 178 6.57 18.47 21.39
N LEU H 179 5.44 18.01 21.96
CA LEU H 179 5.29 16.60 22.28
C LEU H 179 5.30 15.74 21.02
N LEU H 180 4.59 16.18 19.99
CA LEU H 180 4.55 15.42 18.74
C LEU H 180 5.93 15.37 18.07
N ALA H 181 6.65 16.50 18.08
CA ALA H 181 7.97 16.50 17.46
C ALA H 181 8.96 15.68 18.27
N SER H 182 8.77 15.57 19.59
CA SER H 182 9.64 14.73 20.39
C SER H 182 9.39 13.25 20.12
N ARG H 183 8.14 12.88 19.84
CA ARG H 183 7.81 11.47 19.60
C ARG H 183 8.53 10.93 18.36
N GLU H 185 11.35 11.81 16.93
CA GLU H 185 12.75 11.60 17.19
C GLU H 185 12.96 10.28 17.92
N ASN H 186 13.91 9.48 17.44
CA ASN H 186 14.17 8.16 17.99
C ASN H 186 14.58 8.22 19.46
N GLY I 2 7.60 6.13 -45.33
CA GLY I 2 8.55 5.62 -44.36
C GLY I 2 8.35 4.15 -44.05
N LYS I 4 5.43 0.89 -44.05
CA LYS I 4 4.20 0.43 -44.67
C LYS I 4 3.53 -0.61 -43.80
N ILE I 5 2.21 -0.48 -43.62
CA ILE I 5 1.44 -1.42 -42.82
C ILE I 5 1.13 -2.64 -43.67
N SER I 6 1.32 -3.82 -43.09
CA SER I 6 1.07 -5.06 -43.82
C SER I 6 -0.44 -5.31 -43.94
N PRO I 7 -0.88 -6.04 -44.97
CA PRO I 7 -2.32 -6.30 -45.12
C PRO I 7 -2.87 -7.12 -43.96
N GLN I 8 -2.09 -8.07 -43.44
CA GLN I 8 -2.53 -8.86 -42.30
C GLN I 8 -2.78 -7.98 -41.09
N LEU I 9 -1.95 -6.96 -40.89
CA LEU I 9 -2.18 -6.01 -39.79
C LEU I 9 -3.49 -5.25 -39.97
N LEU I 10 -3.78 -4.85 -41.21
CA LEU I 10 -5.03 -4.14 -41.48
C LEU I 10 -6.24 -5.03 -41.23
N LEU I 11 -6.18 -6.28 -41.70
CA LEU I 11 -7.29 -7.21 -41.48
C LEU I 11 -7.47 -7.52 -40.00
N ALA I 12 -6.38 -7.80 -39.30
CA ALA I 12 -6.44 -8.03 -37.86
C ALA I 12 -7.02 -6.82 -37.12
N ALA I 13 -6.65 -5.61 -37.55
CA ALA I 13 -7.22 -4.40 -36.95
C ALA I 13 -8.71 -4.30 -37.25
N HIS I 14 -9.10 -4.78 -38.43
CA HIS I 14 -10.51 -4.84 -38.83
C HIS I 14 -11.30 -5.75 -37.88
N ARG I 15 -10.86 -7.01 -37.75
CA ARG I 15 -11.55 -7.96 -36.89
C ARG I 15 -11.54 -7.51 -35.44
N PHE I 16 -10.42 -6.97 -34.98
CA PHE I 16 -10.34 -6.49 -33.59
C PHE I 16 -11.28 -5.32 -33.36
N LEU I 17 -11.37 -4.39 -34.32
CA LEU I 17 -12.29 -3.28 -34.19
C LEU I 17 -13.73 -3.77 -34.14
N ALA I 18 -14.05 -4.78 -34.95
CA ALA I 18 -15.42 -5.30 -34.95
C ALA I 18 -15.75 -5.96 -33.63
N THR I 19 -14.87 -6.81 -33.12
CA THR I 19 -15.15 -7.62 -31.94
C THR I 19 -15.05 -6.83 -30.64
N GLU I 20 -13.96 -6.07 -30.46
CA GLU I 20 -13.59 -5.50 -29.17
C GLU I 20 -14.01 -4.05 -28.99
N VAL I 21 -14.91 -3.54 -29.83
CA VAL I 21 -15.40 -2.17 -29.70
C VAL I 21 -16.90 -2.14 -29.87
N SER I 22 -17.58 -1.40 -28.99
CA SER I 22 -19.03 -1.25 -29.06
C SER I 22 -19.44 -0.54 -30.36
N GLN I 23 -18.88 0.65 -30.59
CA GLN I 23 -19.28 1.48 -31.73
C GLN I 23 -18.96 0.82 -33.07
N PHE I 24 -17.98 -0.07 -33.11
CA PHE I 24 -17.56 -0.70 -34.35
C PHE I 24 -18.22 -2.06 -34.58
N SER I 25 -19.18 -2.43 -33.73
CA SER I 25 -19.80 -3.74 -33.80
C SER I 25 -20.31 -4.04 -35.22
N PRO I 26 -20.26 -5.30 -35.66
CA PRO I 26 -20.68 -5.59 -37.03
C PRO I 26 -22.15 -5.35 -37.31
N SER I 27 -23.02 -5.53 -36.30
CA SER I 27 -24.43 -5.19 -36.49
C SER I 27 -24.59 -3.69 -36.63
N LEU I 28 -23.78 -2.94 -35.89
CA LEU I 28 -23.86 -1.49 -35.93
C LEU I 28 -23.27 -0.95 -37.24
N ILE I 29 -22.09 -1.44 -37.62
CA ILE I 29 -21.48 -1.14 -38.92
C ILE I 29 -21.03 -2.45 -39.55
N SER I 30 -21.51 -2.70 -40.77
CA SER I 30 -21.22 -3.97 -41.44
C SER I 30 -19.74 -4.13 -41.74
N GLU I 31 -19.32 -5.39 -41.89
CA GLU I 31 -17.92 -5.72 -42.05
C GLU I 31 -17.31 -5.05 -43.28
N LYS I 32 -18.03 -5.04 -44.39
CA LYS I 32 -17.53 -4.43 -45.63
C LYS I 32 -17.24 -2.94 -45.44
N ILE I 33 -18.07 -2.24 -44.66
CA ILE I 33 -17.83 -0.82 -44.44
C ILE I 33 -16.65 -0.60 -43.50
N LEU I 34 -16.35 -1.57 -42.63
CA LEU I 34 -15.10 -1.49 -41.88
C LEU I 34 -13.90 -1.65 -42.82
N LEU I 35 -13.93 -2.65 -43.72
CA LEU I 35 -12.80 -2.82 -44.62
C LEU I 35 -12.61 -1.62 -45.54
N ARG I 36 -13.71 -1.07 -46.06
CA ARG I 36 -13.59 0.11 -46.92
C ARG I 36 -13.14 1.32 -46.13
N LEU I 37 -13.56 1.42 -44.86
CA LEU I 37 -13.18 2.57 -44.05
C LEU I 37 -11.70 2.54 -43.71
N LEU I 38 -11.14 1.37 -43.41
CA LEU I 38 -9.70 1.27 -43.17
C LEU I 38 -8.89 1.59 -44.44
N LYS I 39 -9.39 1.17 -45.60
CA LYS I 39 -8.71 1.44 -46.87
C LYS I 39 -8.86 2.88 -47.34
N TYR I 40 -9.71 3.67 -46.69
CA TYR I 40 -9.92 5.06 -47.09
C TYR I 40 -8.63 5.87 -46.92
N PRO I 41 -8.39 6.83 -47.80
CA PRO I 41 -7.15 7.62 -47.71
C PRO I 41 -7.10 8.52 -46.48
N ASP I 42 -5.89 8.64 -45.90
CA ASP I 42 -5.58 9.40 -44.70
C ASP I 42 -6.16 8.75 -43.45
N VAL I 43 -6.89 7.64 -43.58
CA VAL I 43 -7.33 6.90 -42.40
C VAL I 43 -6.13 6.30 -41.68
N ILE I 44 -5.14 5.84 -42.43
CA ILE I 44 -3.91 5.30 -41.87
C ILE I 44 -2.88 6.40 -41.89
N GLN I 45 -2.32 6.71 -40.71
CA GLN I 45 -1.32 7.75 -40.57
C GLN I 45 -0.10 7.20 -39.86
N GLU I 46 1.07 7.58 -40.34
CA GLU I 46 2.34 7.19 -39.76
C GLU I 46 3.02 8.45 -39.22
N LEU I 47 3.55 8.35 -38.01
CA LEU I 47 4.21 9.46 -37.34
C LEU I 47 5.66 9.08 -37.04
N LYS I 48 6.58 9.95 -37.38
CA LYS I 48 8.00 9.74 -37.12
C LYS I 48 8.39 10.47 -35.85
N PHE I 49 9.02 9.75 -34.93
CA PHE I 49 9.40 10.32 -33.63
C PHE I 49 10.68 11.13 -33.78
N ASP I 50 10.67 12.34 -33.25
CA ASP I 50 11.84 13.20 -33.23
C ASP I 50 12.49 13.11 -31.85
N GLU I 51 13.72 12.61 -31.80
CA GLU I 51 14.38 12.39 -30.53
C GLU I 51 14.83 13.69 -29.88
N HIS I 52 15.11 14.72 -30.69
CA HIS I 52 15.64 15.97 -30.13
C HIS I 52 14.58 16.69 -29.29
N ASN I 53 13.38 16.86 -29.83
CA ASN I 53 12.28 17.48 -29.09
C ASN I 53 11.32 16.36 -28.68
N LYS I 54 11.44 15.88 -27.44
CA LYS I 54 10.59 14.79 -26.98
C LYS I 54 9.15 15.25 -26.78
N TYR I 55 8.96 16.43 -26.19
CA TYR I 55 7.64 17.02 -26.00
C TYR I 55 7.42 18.06 -27.09
N TYR I 56 6.46 17.79 -27.98
CA TYR I 56 6.22 18.70 -29.09
C TYR I 56 4.75 18.59 -29.50
N ALA I 57 4.26 19.64 -30.15
CA ALA I 57 2.86 19.68 -30.54
C ALA I 57 2.51 18.55 -31.51
N ARG I 58 3.44 18.18 -32.38
CA ARG I 58 3.19 17.09 -33.32
C ARG I 58 3.05 15.76 -32.58
N HIS I 59 3.81 15.58 -31.51
CA HIS I 59 3.82 14.29 -30.82
C HIS I 59 2.54 14.01 -30.07
N TYR I 60 1.79 15.05 -29.70
CA TYR I 60 0.54 14.83 -28.97
C TYR I 60 -0.56 14.44 -29.97
N LEU I 61 -1.06 13.21 -29.84
CA LEU I 61 -2.23 12.81 -30.60
C LEU I 61 -3.51 13.31 -29.94
N TYR I 62 -3.49 13.41 -28.62
CA TYR I 62 -4.52 14.08 -27.83
C TYR I 62 -3.85 15.06 -26.88
N THR I 63 -4.37 16.28 -26.81
CA THR I 63 -3.89 17.30 -25.90
C THR I 63 -4.93 17.52 -24.80
N ARG I 64 -4.44 17.80 -23.60
CA ARG I 64 -5.32 17.84 -22.43
C ARG I 64 -6.34 18.98 -22.53
N ASN I 65 -7.61 18.62 -22.36
CA ASN I 65 -8.71 19.58 -22.21
C ASN I 65 -8.88 20.48 -23.44
N LYS I 66 -8.34 20.07 -24.58
CA LYS I 66 -8.53 20.71 -25.87
C LYS I 66 -9.41 19.84 -26.75
N PRO I 67 -10.13 20.41 -27.72
CA PRO I 67 -11.11 19.62 -28.46
C PRO I 67 -10.47 18.62 -29.41
N ALA I 68 -11.13 17.47 -29.57
CA ALA I 68 -10.78 16.50 -30.59
C ALA I 68 -12.05 15.77 -31.02
N ASP I 69 -12.24 15.65 -32.34
CA ASP I 69 -13.40 14.98 -32.91
C ASP I 69 -13.10 13.58 -33.44
N TYR I 70 -11.94 13.01 -33.11
CA TYR I 70 -11.48 11.81 -33.80
C TYR I 70 -11.12 10.68 -32.85
N PHE I 71 -11.13 9.47 -33.43
CA PHE I 71 -10.77 8.21 -32.79
C PHE I 71 -9.51 7.63 -33.44
N ILE I 72 -8.57 7.18 -32.61
CA ILE I 72 -7.32 6.59 -33.10
C ILE I 72 -7.14 5.22 -32.47
N LEU I 73 -6.77 4.25 -33.30
CA LEU I 73 -6.36 2.91 -32.85
C LEU I 73 -4.91 2.72 -33.26
N ILE I 74 -4.05 2.42 -32.29
CA ILE I 74 -2.60 2.40 -32.52
C ILE I 74 -2.21 1.03 -33.06
N LEU I 75 -1.68 1.00 -34.29
CA LEU I 75 -1.21 -0.26 -34.88
C LEU I 75 0.19 -0.61 -34.42
N GLN I 76 1.09 0.37 -34.34
CA GLN I 76 2.47 0.10 -34.00
C GLN I 76 3.02 1.24 -33.16
N GLY I 77 4.01 0.92 -32.33
CA GLY I 77 4.70 1.86 -31.47
C GLY I 77 4.18 1.82 -30.04
N LYS I 78 4.75 2.71 -29.22
CA LYS I 78 4.27 2.86 -27.85
C LYS I 78 4.13 4.33 -27.52
N VAL I 79 3.14 4.61 -26.65
CA VAL I 79 2.64 5.94 -26.35
C VAL I 79 2.40 6.04 -24.84
N GLU I 80 2.18 7.27 -24.36
CA GLU I 80 1.89 7.50 -22.96
C GLU I 80 0.70 8.44 -22.80
N VAL I 81 -0.11 8.18 -21.78
CA VAL I 81 -1.32 8.94 -21.46
C VAL I 81 -1.10 9.67 -20.13
N GLU I 82 -1.35 10.98 -20.13
CA GLU I 82 -1.21 11.87 -18.97
C GLU I 82 -2.54 12.05 -18.24
N ALA I 83 -3.56 11.25 -18.57
CA ALA I 83 -4.92 11.50 -18.12
C ALA I 83 -5.06 11.41 -16.60
N GLY I 84 -6.12 12.03 -16.11
CA GLY I 84 -6.50 12.05 -14.72
C GLY I 84 -6.21 13.40 -14.06
N LYS I 85 -6.95 13.65 -12.97
CA LYS I 85 -6.78 14.88 -12.20
C LYS I 85 -5.39 14.98 -11.61
N GLU I 86 -4.78 13.85 -11.27
CA GLU I 86 -3.44 13.81 -10.70
C GLU I 86 -2.35 13.82 -11.76
N ASN I 87 -2.71 13.84 -13.04
CA ASN I 87 -1.75 13.86 -14.14
C ASN I 87 -0.82 12.64 -14.07
N LYS I 89 0.73 9.19 -15.44
CA LYS I 89 1.11 8.84 -16.80
C LYS I 89 1.26 7.34 -16.93
N PHE I 90 0.64 6.77 -17.96
CA PHE I 90 0.70 5.34 -18.24
C PHE I 90 1.28 5.10 -19.63
N GLU I 91 1.94 3.95 -19.79
CA GLU I 91 2.55 3.56 -21.06
C GLU I 91 1.72 2.45 -21.68
N THR I 92 1.35 2.63 -22.96
CA THR I 92 0.56 1.63 -23.65
C THR I 92 1.18 1.31 -25.02
N GLY I 93 0.76 0.17 -25.56
CA GLY I 93 1.28 -0.40 -26.79
C GLY I 93 0.26 -0.57 -27.88
N ALA I 94 0.57 -1.45 -28.83
CA ALA I 94 -0.28 -1.68 -29.99
C ALA I 94 -1.69 -2.08 -29.59
N PHE I 95 -2.66 -1.68 -30.41
CA PHE I 95 -4.06 -2.06 -30.28
C PHE I 95 -4.71 -1.47 -29.03
N SER I 96 -4.28 -0.27 -28.64
CA SER I 96 -4.95 0.51 -27.61
C SER I 96 -5.77 1.60 -28.29
N TYR I 97 -7.07 1.62 -28.01
CA TYR I 97 -8.00 2.50 -28.68
C TYR I 97 -8.33 3.70 -27.80
N TYR I 98 -8.32 4.89 -28.39
CA TYR I 98 -8.55 6.12 -27.67
C TYR I 98 -9.53 7.00 -28.43
N GLY I 99 -10.37 7.72 -27.69
CA GLY I 99 -11.36 8.59 -28.29
C GLY I 99 -12.56 7.88 -28.83
N THR I 100 -12.93 6.72 -28.25
CA THR I 100 -14.05 5.96 -28.78
C THR I 100 -15.38 6.63 -28.49
N ALA I 102 -15.75 9.86 -28.86
CA ALA I 102 -15.86 11.00 -29.76
C ALA I 102 -16.50 10.64 -31.09
N LEU I 103 -16.58 9.35 -31.43
CA LEU I 103 -17.19 8.97 -32.70
C LEU I 103 -18.70 9.17 -32.66
N THR I 104 -19.36 8.53 -31.69
CA THR I 104 -20.79 8.70 -31.54
C THR I 104 -21.07 10.09 -30.98
N SER I 105 -22.31 10.54 -31.16
CA SER I 105 -22.75 11.80 -30.58
C SER I 105 -23.43 11.56 -29.24
N GLY I 151 -14.65 22.90 -30.04
CA GLY I 151 -15.42 21.73 -30.42
C GLY I 151 -16.36 21.26 -29.34
N GLN I 152 -17.22 20.29 -29.68
CA GLN I 152 -18.17 19.75 -28.73
C GLN I 152 -17.60 18.62 -27.88
N TYR I 153 -16.46 18.05 -28.28
CA TYR I 153 -15.77 17.00 -27.54
C TYR I 153 -14.45 17.55 -27.04
N ILE I 154 -14.36 17.77 -25.73
CA ILE I 154 -13.11 18.17 -25.09
C ILE I 154 -12.48 16.93 -24.47
N SER I 155 -11.20 16.72 -24.78
CA SER I 155 -10.50 15.48 -24.42
C SER I 155 -9.75 15.67 -23.11
N ASP I 156 -10.17 14.94 -22.07
CA ASP I 156 -9.49 15.03 -20.79
C ASP I 156 -8.14 14.31 -20.81
N PHE I 157 -8.01 13.23 -21.58
CA PHE I 157 -6.77 12.48 -21.64
C PHE I 157 -5.83 13.08 -22.68
N SER I 158 -4.53 13.05 -22.38
CA SER I 158 -3.48 13.51 -23.28
C SER I 158 -2.61 12.33 -23.70
N VAL I 159 -2.61 12.02 -25.00
CA VAL I 159 -1.87 10.88 -25.54
C VAL I 159 -0.65 11.40 -26.28
N ARG I 160 0.53 10.98 -25.84
CA ARG I 160 1.81 11.43 -26.41
C ARG I 160 2.60 10.25 -26.96
N ALA I 161 3.33 10.52 -28.04
CA ALA I 161 4.08 9.50 -28.77
C ALA I 161 5.40 9.19 -28.09
N LEU I 162 5.59 7.95 -27.63
CA LEU I 162 6.89 7.58 -27.09
C LEU I 162 7.87 7.15 -28.18
N VAL I 163 7.40 6.43 -29.21
CA VAL I 163 8.30 5.94 -30.27
C VAL I 163 7.62 6.17 -31.63
N ASP I 164 8.33 5.82 -32.71
CA ASP I 164 7.73 5.85 -34.03
C ASP I 164 6.51 4.94 -34.02
N LEU I 165 5.36 5.51 -34.34
CA LEU I 165 4.11 4.78 -34.24
C LEU I 165 3.34 4.90 -35.54
N GLN I 166 2.42 3.96 -35.72
CA GLN I 166 1.55 3.92 -36.88
C GLN I 166 0.15 3.69 -36.35
N TYR I 167 -0.76 4.63 -36.64
CA TYR I 167 -2.08 4.61 -36.07
C TYR I 167 -3.10 4.82 -37.17
N ILE I 168 -4.34 4.44 -36.89
CA ILE I 168 -5.46 4.69 -37.79
C ILE I 168 -6.34 5.73 -37.13
N LYS I 169 -6.78 6.70 -37.93
CA LYS I 169 -7.64 7.76 -37.43
C LYS I 169 -8.95 7.68 -38.20
N ILE I 170 -10.05 7.52 -37.46
CA ILE I 170 -11.38 7.45 -38.04
C ILE I 170 -12.11 8.65 -37.44
N THR I 171 -12.45 9.62 -38.29
CA THR I 171 -13.07 10.83 -37.80
C THR I 171 -14.55 10.58 -37.52
N ARG I 172 -15.15 11.50 -36.76
CA ARG I 172 -16.58 11.41 -36.49
C ARG I 172 -17.37 11.59 -37.78
N GLN I 173 -16.89 12.45 -38.68
CA GLN I 173 -17.56 12.63 -39.96
C GLN I 173 -17.55 11.32 -40.76
N GLN I 174 -16.38 10.68 -40.86
CA GLN I 174 -16.30 9.38 -41.51
C GLN I 174 -17.14 8.35 -40.78
N TYR I 175 -17.13 8.38 -39.45
CA TYR I 175 -17.82 7.38 -38.65
C TYR I 175 -19.32 7.42 -38.87
N GLN I 176 -19.91 8.62 -38.84
CA GLN I 176 -21.36 8.72 -39.00
C GLN I 176 -21.80 8.26 -40.38
N ASN I 177 -21.02 8.59 -41.42
CA ASN I 177 -21.37 8.15 -42.77
C ASN I 177 -21.24 6.64 -42.94
N GLY I 178 -20.19 6.04 -42.39
CA GLY I 178 -20.08 4.59 -42.44
C GLY I 178 -21.19 3.89 -41.69
N LEU I 179 -21.59 4.46 -40.55
CA LEU I 179 -22.71 3.93 -39.78
C LEU I 179 -24.02 4.06 -40.54
N LEU I 180 -24.32 5.24 -41.09
CA LEU I 180 -25.60 5.42 -41.78
C LEU I 180 -25.68 4.53 -43.02
N ALA I 181 -24.57 4.46 -43.78
CA ALA I 181 -24.51 3.65 -44.99
C ALA I 181 -24.49 2.15 -44.71
N SER I 182 -24.03 1.73 -43.52
CA SER I 182 -23.91 0.30 -43.24
C SER I 182 -25.25 -0.41 -43.25
N ARG I 183 -26.32 0.25 -42.79
CA ARG I 183 -27.62 -0.40 -42.83
C ARG I 183 -28.08 -0.65 -44.27
#